data_9K04
#
_entry.id   9K04
#
_cell.length_a   102.964
_cell.length_b   112.216
_cell.length_c   70.512
_cell.angle_alpha   90.000
_cell.angle_beta   105.817
_cell.angle_gamma   90.000
#
_symmetry.space_group_name_H-M   'C 1 2 1'
#
loop_
_entity.id
_entity.type
_entity.pdbx_description
1 polymer 'Phosphoribosylformylglycinamidine cyclo-ligase'
2 non-polymer "ADENOSINE-5'-DIPHOSPHATE"
3 non-polymer 'PHOSPHATE ION'
4 non-polymer 'MANGANESE (II) ION'
5 non-polymer 'POTASSIUM ION'
6 water water
#
_entity_poly.entity_id   1
_entity_poly.type   'polypeptide(L)'
_entity_poly.pdbx_seq_one_letter_code
;TARALREIIRTARETFKLRKGKVGEPGDIGHYAALLDFGNFYLAMTTDGVGTKVLVAEAVGKFDTIGIDMIAMNVNDLLC
VGAEPLALVDYFAVKEPNEEVFKQVAKGLYKGAEEAGVAIVGGETAVMPDLINGYDLAGTAIGIVEKGKVITGERIRPGD
SVIGISSSGIHSNGLTLARKLLIPKYGLDYEYEGRKLWEWLLEPTRIYVRPILELINSVEVHGLAAITGGGLLNLKRLTN
YGFELEMPPIEGIFKLIHENGVPLDEMFRVFNMGVGFIVVVPQEEKEEALEILSRHYKSYELGNVTRELGKIKVKNYGIT
L
;
_entity_poly.pdbx_strand_id   A,B
#
loop_
_chem_comp.id
_chem_comp.type
_chem_comp.name
_chem_comp.formula
ADP non-polymer ADENOSINE-5'-DIPHOSPHATE 'C10 H15 N5 O10 P2'
K non-polymer 'POTASSIUM ION' 'K 1'
MN non-polymer 'MANGANESE (II) ION' 'Mn 2'
PO4 non-polymer 'PHOSPHATE ION' 'O4 P -3'
#
# COMPACT_ATOMS: atom_id res chain seq x y z
N THR A 1 -9.23 16.47 9.49
CA THR A 1 -8.83 15.20 8.85
C THR A 1 -9.96 14.19 8.92
N ALA A 2 -10.60 14.11 10.09
CA ALA A 2 -11.73 13.21 10.24
C ALA A 2 -12.85 13.55 9.27
N ARG A 3 -13.15 14.85 9.12
CA ARG A 3 -14.20 15.28 8.20
C ARG A 3 -13.85 14.97 6.75
N ALA A 4 -12.61 15.23 6.34
CA ALA A 4 -12.23 14.95 4.97
C ALA A 4 -12.32 13.45 4.70
N LEU A 5 -11.85 12.65 5.65
CA LEU A 5 -11.82 11.20 5.47
C LEU A 5 -13.22 10.60 5.41
N ARG A 6 -14.22 11.22 6.06
CA ARG A 6 -15.57 10.66 6.00
C ARG A 6 -16.07 10.53 4.56
N GLU A 7 -15.61 11.40 3.66
CA GLU A 7 -16.02 11.30 2.26
C GLU A 7 -15.53 9.99 1.66
N ILE A 8 -14.29 9.62 1.96
CA ILE A 8 -13.75 8.39 1.39
C ILE A 8 -14.36 7.16 2.07
N ILE A 9 -14.53 7.22 3.40
CA ILE A 9 -15.08 6.05 4.08
C ILE A 9 -16.53 5.82 3.66
N ARG A 10 -17.30 6.89 3.47
CA ARG A 10 -18.67 6.74 2.98
C ARG A 10 -18.71 6.01 1.64
N THR A 11 -17.81 6.39 0.73
CA THR A 11 -17.75 5.74 -0.57
C THR A 11 -17.29 4.29 -0.45
N ALA A 12 -16.29 4.03 0.39
CA ALA A 12 -15.78 2.67 0.55
C ALA A 12 -16.89 1.73 1.02
N ARG A 13 -17.67 2.15 2.01
CA ARG A 13 -18.76 1.31 2.48
C ARG A 13 -19.73 0.98 1.35
N GLU A 14 -19.93 1.91 0.42
CA GLU A 14 -20.82 1.67 -0.71
C GLU A 14 -20.29 0.60 -1.66
N THR A 15 -18.96 0.36 -1.67
CA THR A 15 -18.39 -0.66 -2.53
C THR A 15 -18.43 -2.06 -1.93
N PHE A 16 -18.72 -2.20 -0.62
CA PHE A 16 -18.75 -3.52 -0.01
C PHE A 16 -19.66 -4.47 -0.76
N LYS A 17 -20.78 -3.95 -1.29
CA LYS A 17 -21.77 -4.81 -1.95
C LYS A 17 -21.23 -5.49 -3.19
N LEU A 18 -20.16 -4.95 -3.79
CA LEU A 18 -19.57 -5.58 -4.97
C LEU A 18 -19.03 -6.97 -4.68
N ARG A 19 -18.74 -7.29 -3.41
CA ARG A 19 -18.32 -8.64 -3.07
C ARG A 19 -19.34 -9.34 -2.16
N LYS A 20 -20.56 -8.83 -2.06
CA LYS A 20 -21.61 -9.50 -1.29
C LYS A 20 -21.77 -10.95 -1.73
N GLY A 21 -21.71 -11.86 -0.76
CA GLY A 21 -21.88 -13.27 -1.02
C GLY A 21 -20.80 -13.91 -1.85
N LYS A 22 -19.67 -13.24 -2.03
CA LYS A 22 -18.57 -13.76 -2.83
C LYS A 22 -17.31 -13.84 -1.97
N VAL A 23 -16.31 -14.55 -2.49
CA VAL A 23 -15.00 -14.53 -1.87
C VAL A 23 -14.52 -13.10 -1.74
N GLY A 24 -13.97 -12.77 -0.58
CA GLY A 24 -13.52 -11.42 -0.32
C GLY A 24 -14.53 -10.49 0.34
N GLU A 25 -15.75 -10.97 0.62
CA GLU A 25 -16.74 -10.12 1.25
C GLU A 25 -16.16 -9.51 2.53
N PRO A 26 -16.17 -8.19 2.66
CA PRO A 26 -15.53 -7.56 3.82
C PRO A 26 -16.47 -7.32 4.99
N GLY A 27 -15.86 -7.19 6.16
CA GLY A 27 -16.51 -6.57 7.30
C GLY A 27 -16.46 -5.05 7.17
N ASP A 28 -16.73 -4.39 8.28
CA ASP A 28 -16.86 -2.94 8.23
C ASP A 28 -15.51 -2.28 8.42
N ILE A 29 -15.43 -1.05 7.94
CA ILE A 29 -14.25 -0.22 8.14
C ILE A 29 -14.29 0.36 9.54
N GLY A 30 -13.10 0.57 10.11
CA GLY A 30 -13.02 1.19 11.40
C GLY A 30 -12.10 0.42 12.31
N HIS A 31 -11.97 -0.88 12.09
N HIS A 31 -12.00 -0.90 12.09
CA HIS A 31 -11.04 -1.60 12.95
CA HIS A 31 -11.09 -1.75 12.85
C HIS A 31 -9.63 -1.52 12.40
C HIS A 31 -9.64 -1.48 12.43
N TYR A 32 -8.70 -2.14 13.12
CA TYR A 32 -7.29 -2.01 12.78
C TYR A 32 -6.94 -2.65 11.45
N ALA A 33 -7.73 -3.63 11.01
CA ALA A 33 -7.53 -4.25 9.71
C ALA A 33 -8.89 -4.59 9.11
N ALA A 34 -8.90 -4.78 7.81
CA ALA A 34 -10.07 -5.30 7.13
C ALA A 34 -10.07 -6.81 7.23
N LEU A 35 -11.26 -7.39 7.38
CA LEU A 35 -11.43 -8.84 7.43
C LEU A 35 -12.25 -9.26 6.22
N LEU A 36 -11.71 -10.17 5.43
CA LEU A 36 -12.31 -10.57 4.16
C LEU A 36 -12.65 -12.06 4.21
N ASP A 37 -13.88 -12.40 3.84
CA ASP A 37 -14.35 -13.78 3.99
C ASP A 37 -13.80 -14.64 2.85
N PHE A 38 -12.94 -15.60 3.19
CA PHE A 38 -12.44 -16.60 2.24
C PHE A 38 -12.97 -17.99 2.53
N GLY A 39 -14.10 -18.10 3.23
CA GLY A 39 -14.73 -19.39 3.44
C GLY A 39 -14.36 -20.02 4.76
N ASN A 40 -13.22 -20.72 4.79
CA ASN A 40 -12.74 -21.36 6.00
C ASN A 40 -11.99 -20.41 6.92
N PHE A 41 -11.67 -19.21 6.46
CA PHE A 41 -10.84 -18.29 7.20
C PHE A 41 -11.11 -16.89 6.70
N TYR A 42 -10.68 -15.90 7.48
CA TYR A 42 -10.65 -14.51 7.04
C TYR A 42 -9.23 -14.13 6.65
N LEU A 43 -9.10 -13.36 5.58
CA LEU A 43 -7.87 -12.67 5.30
C LEU A 43 -7.96 -11.29 5.94
N ALA A 44 -6.91 -10.89 6.63
CA ALA A 44 -6.85 -9.57 7.25
C ALA A 44 -5.88 -8.71 6.43
N MET A 45 -6.22 -7.45 6.25
CA MET A 45 -5.46 -6.57 5.35
C MET A 45 -5.40 -5.16 5.93
N THR A 46 -4.21 -4.58 5.96
CA THR A 46 -4.02 -3.25 6.55
C THR A 46 -2.90 -2.52 5.81
N THR A 47 -2.93 -1.19 5.85
CA THR A 47 -1.87 -0.41 5.22
C THR A 47 -1.54 0.79 6.10
N ASP A 48 -0.26 1.18 6.09
CA ASP A 48 0.24 2.29 6.89
C ASP A 48 1.65 2.63 6.43
N GLY A 49 2.06 3.88 6.68
CA GLY A 49 3.39 4.33 6.36
C GLY A 49 4.12 4.88 7.57
N VAL A 50 5.43 5.06 7.40
CA VAL A 50 6.28 5.46 8.51
C VAL A 50 6.01 6.89 8.94
N GLY A 51 5.90 7.81 8.00
CA GLY A 51 5.70 9.21 8.37
C GLY A 51 6.99 10.01 8.42
N THR A 52 6.90 11.18 9.08
CA THR A 52 8.01 12.14 8.97
C THR A 52 9.22 11.77 9.80
N LYS A 53 9.18 10.66 10.54
CA LYS A 53 10.40 10.08 11.06
C LYS A 53 11.48 9.93 9.99
N VAL A 54 11.08 9.72 8.73
CA VAL A 54 12.08 9.57 7.66
C VAL A 54 12.88 10.84 7.43
N LEU A 55 12.38 11.99 7.88
CA LEU A 55 13.17 13.21 7.71
C LEU A 55 14.33 13.26 8.70
N VAL A 56 14.18 12.59 9.85
CA VAL A 56 15.30 12.46 10.77
C VAL A 56 16.28 11.44 10.23
N ALA A 57 15.77 10.31 9.74
CA ALA A 57 16.62 9.30 9.14
C ALA A 57 17.47 9.92 8.04
N GLU A 58 16.86 10.75 7.21
CA GLU A 58 17.58 11.37 6.11
C GLU A 58 18.70 12.29 6.61
N ALA A 59 18.38 13.12 7.62
CA ALA A 59 19.34 14.09 8.10
C ALA A 59 20.60 13.43 8.62
N VAL A 60 20.48 12.30 9.30
CA VAL A 60 21.65 11.64 9.90
C VAL A 60 22.17 10.50 9.03
N GLY A 61 21.65 10.36 7.81
CA GLY A 61 22.17 9.34 6.91
C GLY A 61 21.98 7.93 7.43
N LYS A 62 20.87 7.67 8.10
CA LYS A 62 20.63 6.36 8.72
C LYS A 62 19.20 5.92 8.42
N PHE A 63 19.00 5.23 7.30
CA PHE A 63 17.72 4.63 6.95
C PHE A 63 17.67 3.16 7.37
N ASP A 64 18.67 2.69 8.14
CA ASP A 64 18.86 1.30 8.47
C ASP A 64 17.74 0.69 9.30
N THR A 65 16.91 1.51 9.95
CA THR A 65 15.81 0.97 10.75
C THR A 65 14.42 1.44 10.31
N ILE A 66 14.32 2.29 9.27
CA ILE A 66 13.01 2.76 8.84
C ILE A 66 12.15 1.62 8.31
N GLY A 67 12.78 0.60 7.72
CA GLY A 67 12.04 -0.57 7.29
C GLY A 67 11.45 -1.34 8.44
N ILE A 68 12.08 -1.27 9.61
CA ILE A 68 11.51 -1.87 10.81
C ILE A 68 10.23 -1.13 11.19
N ASP A 69 10.27 0.20 11.17
CA ASP A 69 9.06 0.97 11.47
C ASP A 69 7.92 0.57 10.56
N MET A 70 8.20 0.45 9.25
CA MET A 70 7.09 0.24 8.34
C MET A 70 6.52 -1.16 8.57
N ILE A 71 7.40 -2.16 8.74
CA ILE A 71 6.90 -3.52 8.96
C ILE A 71 6.14 -3.59 10.29
N ALA A 72 6.72 -3.02 11.34
CA ALA A 72 6.11 -3.09 12.67
C ALA A 72 4.69 -2.54 12.68
N MET A 73 4.51 -1.34 12.13
CA MET A 73 3.19 -0.72 12.16
C MET A 73 2.15 -1.57 11.43
N ASN A 74 2.54 -2.21 10.33
CA ASN A 74 1.58 -3.01 9.58
C ASN A 74 1.30 -4.35 10.24
N VAL A 75 2.34 -5.07 10.70
CA VAL A 75 2.05 -6.35 11.32
C VAL A 75 1.36 -6.16 12.66
N ASN A 76 1.68 -5.08 13.40
CA ASN A 76 1.01 -4.87 14.68
C ASN A 76 -0.48 -4.60 14.49
N ASP A 77 -0.87 -3.97 13.37
CA ASP A 77 -2.31 -3.75 13.16
C ASP A 77 -3.02 -5.05 12.84
N LEU A 78 -2.36 -5.95 12.11
CA LEU A 78 -2.96 -7.26 11.84
C LEU A 78 -3.24 -8.02 13.14
N LEU A 79 -2.33 -7.89 14.12
CA LEU A 79 -2.54 -8.57 15.39
C LEU A 79 -3.83 -8.14 16.06
N CYS A 80 -4.31 -6.92 15.80
CA CYS A 80 -5.44 -6.36 16.53
C CYS A 80 -6.79 -6.82 16.00
N VAL A 81 -6.83 -7.71 15.01
CA VAL A 81 -8.03 -8.49 14.74
C VAL A 81 -7.81 -9.95 15.07
N GLY A 82 -6.66 -10.29 15.66
CA GLY A 82 -6.34 -11.66 16.01
C GLY A 82 -5.64 -12.45 14.94
N ALA A 83 -5.09 -11.79 13.93
CA ALA A 83 -4.55 -12.47 12.77
C ALA A 83 -3.05 -12.73 12.89
N GLU A 84 -2.62 -13.83 12.28
CA GLU A 84 -1.20 -14.13 12.13
C GLU A 84 -0.67 -13.39 10.90
N PRO A 85 0.32 -12.50 11.04
CA PRO A 85 0.87 -11.83 9.85
C PRO A 85 1.59 -12.80 8.92
N LEU A 86 1.46 -12.56 7.61
CA LEU A 86 2.02 -13.48 6.62
C LEU A 86 2.96 -12.80 5.63
N ALA A 87 2.56 -11.68 5.03
CA ALA A 87 3.29 -11.16 3.89
C ALA A 87 3.02 -9.66 3.77
N LEU A 88 3.97 -8.96 3.19
CA LEU A 88 3.87 -7.51 3.06
C LEU A 88 4.41 -7.09 1.71
N VAL A 89 3.85 -6.01 1.15
CA VAL A 89 4.47 -5.30 0.04
C VAL A 89 4.83 -3.91 0.55
N ASP A 90 5.88 -3.29 0.00
CA ASP A 90 6.25 -1.95 0.42
C ASP A 90 6.09 -0.96 -0.73
N TYR A 91 5.69 0.25 -0.38
CA TYR A 91 5.51 1.35 -1.32
C TYR A 91 6.54 2.40 -0.93
N PHE A 92 7.53 2.63 -1.79
CA PHE A 92 8.66 3.50 -1.47
C PHE A 92 8.63 4.67 -2.44
N ALA A 93 8.22 5.84 -1.95
CA ALA A 93 8.08 7.04 -2.77
C ALA A 93 9.25 7.96 -2.42
N VAL A 94 10.09 8.25 -3.42
CA VAL A 94 11.41 8.82 -3.15
C VAL A 94 11.66 10.04 -4.03
N LYS A 95 12.46 10.98 -3.51
CA LYS A 95 12.86 12.09 -4.37
C LYS A 95 13.94 11.70 -5.36
N GLU A 96 14.67 10.62 -5.10
CA GLU A 96 15.71 10.18 -6.03
C GLU A 96 16.05 8.73 -5.75
N PRO A 97 16.46 7.95 -6.77
CA PRO A 97 16.85 6.56 -6.55
C PRO A 97 18.25 6.46 -5.96
N ASN A 98 18.39 6.97 -4.74
CA ASN A 98 19.69 7.07 -4.11
C ASN A 98 20.14 5.69 -3.64
N GLU A 99 21.26 5.21 -4.18
CA GLU A 99 21.62 3.82 -3.89
C GLU A 99 22.05 3.64 -2.44
N GLU A 100 22.63 4.68 -1.82
CA GLU A 100 22.99 4.59 -0.41
C GLU A 100 21.74 4.46 0.45
N VAL A 101 20.75 5.31 0.20
CA VAL A 101 19.50 5.25 0.97
C VAL A 101 18.84 3.89 0.83
N PHE A 102 18.78 3.37 -0.40
CA PHE A 102 18.09 2.10 -0.64
C PHE A 102 18.80 0.94 0.05
N LYS A 103 20.14 0.95 0.03
CA LYS A 103 20.86 -0.11 0.71
C LYS A 103 20.59 -0.09 2.21
N GLN A 104 20.52 1.10 2.80
CA GLN A 104 20.20 1.23 4.21
C GLN A 104 18.77 0.75 4.50
N VAL A 105 17.82 1.13 3.64
CA VAL A 105 16.43 0.72 3.86
C VAL A 105 16.33 -0.80 3.86
N ALA A 106 17.07 -1.46 2.96
CA ALA A 106 16.99 -2.92 2.85
C ALA A 106 17.38 -3.62 4.16
N LYS A 107 18.37 -3.07 4.88
CA LYS A 107 18.81 -3.71 6.13
C LYS A 107 17.67 -3.85 7.13
N GLY A 108 16.93 -2.76 7.35
CA GLY A 108 15.85 -2.80 8.32
C GLY A 108 14.66 -3.59 7.82
N LEU A 109 14.40 -3.56 6.51
CA LEU A 109 13.37 -4.45 5.98
C LEU A 109 13.65 -5.90 6.33
N TYR A 110 14.91 -6.35 6.22
CA TYR A 110 15.19 -7.73 6.56
C TYR A 110 14.99 -7.98 8.05
N LYS A 111 15.53 -7.09 8.88
CA LYS A 111 15.44 -7.30 10.33
C LYS A 111 13.99 -7.32 10.79
N GLY A 112 13.18 -6.39 10.30
CA GLY A 112 11.78 -6.36 10.69
C GLY A 112 11.01 -7.57 10.18
N ALA A 113 11.28 -8.00 8.95
CA ALA A 113 10.56 -9.15 8.44
C ALA A 113 10.88 -10.40 9.24
N GLU A 114 12.16 -10.57 9.61
CA GLU A 114 12.56 -11.75 10.36
C GLU A 114 11.92 -11.75 11.74
N GLU A 115 11.85 -10.59 12.39
CA GLU A 115 11.27 -10.55 13.72
C GLU A 115 9.78 -10.81 13.68
N ALA A 116 9.10 -10.32 12.64
CA ALA A 116 7.65 -10.48 12.50
C ALA A 116 7.25 -11.81 11.87
N GLY A 117 8.19 -12.53 11.26
CA GLY A 117 7.86 -13.79 10.61
C GLY A 117 7.11 -13.64 9.30
N VAL A 118 7.39 -12.58 8.54
CA VAL A 118 6.66 -12.33 7.30
C VAL A 118 7.63 -12.28 6.13
N ALA A 119 7.11 -12.59 4.94
CA ALA A 119 7.86 -12.38 3.72
C ALA A 119 7.50 -11.03 3.11
N ILE A 120 8.51 -10.37 2.56
CA ILE A 120 8.33 -9.17 1.74
C ILE A 120 8.26 -9.64 0.29
N VAL A 121 7.08 -9.51 -0.33
CA VAL A 121 6.80 -10.27 -1.55
C VAL A 121 6.73 -9.40 -2.79
N GLY A 122 6.80 -8.09 -2.65
CA GLY A 122 6.71 -7.20 -3.79
C GLY A 122 6.62 -5.77 -3.30
N GLY A 123 6.39 -4.86 -4.23
CA GLY A 123 6.34 -3.47 -3.85
C GLY A 123 6.22 -2.57 -5.06
N GLU A 124 6.40 -1.28 -4.77
CA GLU A 124 6.37 -0.21 -5.75
C GLU A 124 7.43 0.80 -5.37
N THR A 125 8.17 1.29 -6.36
CA THR A 125 9.18 2.32 -6.15
C THR A 125 8.84 3.47 -7.08
N ALA A 126 8.53 4.63 -6.51
CA ALA A 126 8.07 5.77 -7.31
C ALA A 126 9.03 6.93 -7.11
N VAL A 127 9.78 7.28 -8.15
CA VAL A 127 10.73 8.39 -8.10
C VAL A 127 9.98 9.65 -8.54
N MET A 128 9.77 10.56 -7.59
CA MET A 128 8.82 11.65 -7.74
C MET A 128 9.30 12.91 -7.02
N PRO A 129 10.44 13.50 -7.41
CA PRO A 129 10.96 14.65 -6.64
C PRO A 129 10.01 15.82 -6.58
N ASP A 130 9.14 16.01 -7.59
CA ASP A 130 8.20 17.14 -7.51
C ASP A 130 7.16 16.93 -6.42
N LEU A 131 6.87 15.67 -6.10
CA LEU A 131 5.82 15.33 -5.14
C LEU A 131 6.33 14.98 -3.74
N ILE A 132 7.58 14.49 -3.62
CA ILE A 132 8.07 13.94 -2.36
C ILE A 132 9.35 14.68 -1.94
N ASN A 133 9.36 15.21 -0.72
CA ASN A 133 10.53 15.93 -0.17
C ASN A 133 11.34 15.04 0.74
N GLY A 134 11.69 13.86 0.29
CA GLY A 134 12.35 12.92 1.18
C GLY A 134 12.15 11.52 0.63
N TYR A 135 12.08 10.57 1.55
CA TYR A 135 11.97 9.16 1.19
C TYR A 135 10.87 8.57 2.07
N ASP A 136 9.64 8.48 1.54
CA ASP A 136 8.45 8.04 2.25
C ASP A 136 8.30 6.54 2.07
N LEU A 137 8.26 5.78 3.17
CA LEU A 137 8.15 4.33 3.09
C LEU A 137 6.85 3.88 3.72
N ALA A 138 6.05 3.14 2.97
CA ALA A 138 4.78 2.64 3.47
C ALA A 138 4.67 1.18 3.05
N GLY A 139 3.59 0.53 3.49
CA GLY A 139 3.42 -0.84 3.06
C GLY A 139 2.03 -1.31 3.36
N THR A 140 1.77 -2.56 2.95
CA THR A 140 0.49 -3.21 3.15
C THR A 140 0.78 -4.63 3.60
N ALA A 141 0.12 -5.09 4.65
CA ALA A 141 0.35 -6.44 5.15
C ALA A 141 -0.93 -7.25 5.11
N ILE A 142 -0.78 -8.55 4.91
CA ILE A 142 -1.92 -9.44 5.00
C ILE A 142 -1.60 -10.53 6.02
N GLY A 143 -2.66 -10.98 6.69
CA GLY A 143 -2.57 -12.05 7.68
C GLY A 143 -3.81 -12.91 7.61
N ILE A 144 -3.85 -13.95 8.45
CA ILE A 144 -4.94 -14.92 8.39
C ILE A 144 -5.50 -15.14 9.80
N VAL A 145 -6.82 -15.25 9.90
CA VAL A 145 -7.45 -15.63 11.16
C VAL A 145 -8.61 -16.57 10.85
N GLU A 146 -8.67 -17.68 11.59
CA GLU A 146 -9.74 -18.65 11.37
C GLU A 146 -11.08 -18.10 11.82
N LYS A 147 -12.13 -18.57 11.14
CA LYS A 147 -13.47 -18.24 11.59
C LYS A 147 -13.67 -18.74 13.01
N GLY A 148 -14.33 -17.91 13.83
CA GLY A 148 -14.48 -18.20 15.23
C GLY A 148 -13.35 -17.72 16.12
N LYS A 149 -12.24 -17.25 15.54
CA LYS A 149 -11.09 -16.83 16.32
C LYS A 149 -10.76 -15.35 16.13
N VAL A 150 -11.65 -14.57 15.52
CA VAL A 150 -11.44 -13.13 15.40
C VAL A 150 -11.51 -12.49 16.77
N ILE A 151 -10.61 -11.53 17.02
CA ILE A 151 -10.57 -10.77 18.27
C ILE A 151 -10.68 -9.30 17.92
N THR A 152 -11.88 -8.73 18.01
CA THR A 152 -12.04 -7.30 17.70
C THR A 152 -12.62 -6.48 18.84
N GLY A 153 -12.89 -7.07 20.00
CA GLY A 153 -13.27 -6.31 21.17
C GLY A 153 -14.69 -6.57 21.64
N GLU A 154 -15.48 -7.32 20.86
CA GLU A 154 -16.88 -7.55 21.22
C GLU A 154 -16.99 -8.32 22.53
N ARG A 155 -16.00 -9.13 22.87
CA ARG A 155 -16.06 -9.90 24.12
C ARG A 155 -15.59 -9.12 25.34
N ILE A 156 -15.13 -7.88 25.18
CA ILE A 156 -14.73 -7.09 26.34
C ILE A 156 -15.92 -6.86 27.25
N ARG A 157 -15.71 -7.04 28.55
CA ARG A 157 -16.75 -6.90 29.56
C ARG A 157 -16.21 -6.09 30.73
N PRO A 158 -17.08 -5.36 31.43
CA PRO A 158 -16.64 -4.65 32.64
C PRO A 158 -15.93 -5.59 33.61
N GLY A 159 -14.88 -5.07 34.25
CA GLY A 159 -14.04 -5.86 35.11
C GLY A 159 -12.85 -6.53 34.43
N ASP A 160 -12.85 -6.61 33.10
CA ASP A 160 -11.71 -7.19 32.41
C ASP A 160 -10.44 -6.44 32.76
N SER A 161 -9.32 -7.17 32.76
CA SER A 161 -8.01 -6.60 33.03
C SER A 161 -7.45 -5.94 31.77
N VAL A 162 -6.84 -4.78 31.94
CA VAL A 162 -6.21 -4.04 30.85
C VAL A 162 -4.71 -4.04 31.11
N ILE A 163 -3.93 -4.60 30.18
CA ILE A 163 -2.48 -4.78 30.33
C ILE A 163 -1.77 -4.01 29.23
N GLY A 164 -0.73 -3.26 29.61
CA GLY A 164 0.10 -2.55 28.64
C GLY A 164 1.43 -3.25 28.40
N ILE A 165 1.87 -3.22 27.14
CA ILE A 165 3.20 -3.66 26.77
C ILE A 165 4.00 -2.42 26.43
N SER A 166 5.19 -2.29 27.03
CA SER A 166 6.00 -1.09 26.83
C SER A 166 6.27 -0.87 25.34
N SER A 167 6.33 0.39 24.95
CA SER A 167 6.88 0.79 23.65
C SER A 167 8.41 0.85 23.72
N SER A 168 9.02 0.88 22.53
CA SER A 168 10.47 1.12 22.47
C SER A 168 10.80 2.59 22.57
N GLY A 169 9.81 3.46 22.50
CA GLY A 169 9.99 4.89 22.43
C GLY A 169 8.82 5.52 21.68
N ILE A 170 9.13 6.58 20.93
CA ILE A 170 8.09 7.31 20.24
C ILE A 170 7.36 6.50 19.16
N HIS A 171 7.96 5.43 18.64
CA HIS A 171 7.34 4.64 17.54
C HIS A 171 7.16 5.57 16.35
N SER A 172 5.99 5.62 15.71
CA SER A 172 5.85 6.33 14.44
C SER A 172 4.65 7.25 14.43
N ASN A 173 4.21 7.73 15.58
CA ASN A 173 3.10 8.67 15.64
C ASN A 173 3.48 9.83 16.54
N GLY A 174 3.08 11.03 16.13
CA GLY A 174 3.44 12.23 16.84
C GLY A 174 4.76 12.83 16.41
N LEU A 175 5.37 12.35 15.32
CA LEU A 175 6.69 12.84 14.96
C LEU A 175 6.64 14.29 14.48
N THR A 176 5.58 14.70 13.78
CA THR A 176 5.58 16.08 13.32
C THR A 176 5.56 17.05 14.50
N LEU A 177 4.70 16.79 15.49
CA LEU A 177 4.70 17.62 16.68
C LEU A 177 6.06 17.63 17.36
N ALA A 178 6.65 16.44 17.58
CA ALA A 178 7.94 16.39 18.25
C ALA A 178 9.04 17.08 17.45
N ARG A 179 9.07 16.89 16.13
CA ARG A 179 10.09 17.52 15.31
C ARG A 179 9.98 19.04 15.36
N LYS A 180 8.75 19.56 15.20
CA LYS A 180 8.56 21.01 15.13
C LYS A 180 8.83 21.67 16.47
N LEU A 181 8.50 20.97 17.56
CA LEU A 181 8.67 21.51 18.90
C LEU A 181 10.12 21.47 19.35
N LEU A 182 10.84 20.41 19.03
CA LEU A 182 12.14 20.17 19.65
C LEU A 182 13.33 20.48 18.75
N ILE A 183 13.25 20.20 17.46
CA ILE A 183 14.47 20.27 16.64
C ILE A 183 14.96 21.71 16.50
N PRO A 184 14.13 22.71 16.20
CA PRO A 184 14.70 24.06 16.07
C PRO A 184 15.04 24.68 17.40
N LYS A 185 14.53 24.15 18.51
CA LYS A 185 14.93 24.69 19.82
C LYS A 185 16.23 24.08 20.29
N TYR A 186 16.37 22.76 20.20
CA TYR A 186 17.48 22.03 20.81
C TYR A 186 18.55 21.61 19.82
N GLY A 187 18.21 21.41 18.55
CA GLY A 187 19.14 20.82 17.61
C GLY A 187 19.12 19.30 17.65
N LEU A 188 19.35 18.67 16.50
CA LEU A 188 19.32 17.22 16.39
C LEU A 188 20.34 16.52 17.29
N ASP A 189 21.45 17.20 17.62
CA ASP A 189 22.50 16.60 18.43
C ASP A 189 22.35 16.85 19.92
N TYR A 190 21.30 17.54 20.34
CA TYR A 190 21.05 17.78 21.75
C TYR A 190 21.04 16.46 22.54
N GLU A 191 21.85 16.41 23.59
CA GLU A 191 21.96 15.18 24.38
C GLU A 191 20.96 15.21 25.53
N TYR A 192 20.12 14.19 25.60
CA TYR A 192 19.08 14.06 26.60
C TYR A 192 19.14 12.64 27.14
N GLU A 193 19.50 12.52 28.42
CA GLU A 193 19.67 11.22 29.07
C GLU A 193 20.59 10.32 28.24
N GLY A 194 21.66 10.90 27.71
CA GLY A 194 22.72 10.13 27.08
C GLY A 194 22.48 9.76 25.63
N ARG A 195 21.36 10.19 25.06
CA ARG A 195 21.06 9.96 23.65
C ARG A 195 20.82 11.30 22.97
N LYS A 196 21.26 11.41 21.73
CA LYS A 196 20.97 12.61 20.97
C LYS A 196 19.48 12.65 20.60
N LEU A 197 18.96 13.87 20.45
CA LEU A 197 17.57 14.02 20.05
C LEU A 197 17.23 13.16 18.83
N TRP A 198 18.13 13.10 17.82
CA TRP A 198 17.78 12.29 16.65
C TRP A 198 17.66 10.81 17.01
N GLU A 199 18.44 10.32 17.97
CA GLU A 199 18.28 8.92 18.36
C GLU A 199 16.95 8.66 19.04
N TRP A 200 16.49 9.60 19.85
CA TRP A 200 15.15 9.48 20.43
C TRP A 200 14.08 9.45 19.35
N LEU A 201 14.21 10.33 18.35
CA LEU A 201 13.18 10.45 17.34
C LEU A 201 13.19 9.29 16.35
N LEU A 202 14.34 8.67 16.15
CA LEU A 202 14.51 7.63 15.14
C LEU A 202 14.37 6.21 15.67
N GLU A 203 14.28 6.03 17.00
CA GLU A 203 14.24 4.70 17.58
C GLU A 203 13.15 3.85 16.92
N PRO A 204 13.49 2.66 16.39
CA PRO A 204 12.50 1.92 15.60
C PRO A 204 11.35 1.39 16.43
N THR A 205 10.17 1.40 15.81
CA THR A 205 8.94 0.89 16.41
C THR A 205 9.07 -0.58 16.80
N ARG A 206 8.54 -0.91 17.97
CA ARG A 206 8.55 -2.27 18.49
C ARG A 206 7.60 -3.17 17.72
N ILE A 207 7.99 -4.44 17.55
CA ILE A 207 7.18 -5.46 16.88
C ILE A 207 6.60 -6.40 17.93
N TYR A 208 5.28 -6.57 17.91
CA TYR A 208 4.60 -7.32 18.98
C TYR A 208 4.12 -8.70 18.55
N VAL A 209 4.50 -9.17 17.35
CA VAL A 209 3.95 -10.41 16.80
C VAL A 209 4.18 -11.59 17.73
N ARG A 210 5.42 -11.82 18.15
CA ARG A 210 5.69 -13.01 18.97
C ARG A 210 4.95 -13.00 20.30
N PRO A 211 5.00 -11.96 21.14
CA PRO A 211 4.22 -12.01 22.39
C PRO A 211 2.73 -12.16 22.17
N ILE A 212 2.16 -11.47 21.18
CA ILE A 212 0.72 -11.50 21.03
C ILE A 212 0.24 -12.83 20.48
N LEU A 213 0.99 -13.44 19.54
CA LEU A 213 0.55 -14.75 19.04
C LEU A 213 0.68 -15.82 20.12
N GLU A 214 1.73 -15.74 20.96
CA GLU A 214 1.80 -16.65 22.11
C GLU A 214 0.63 -16.42 23.05
N LEU A 215 0.30 -15.15 23.31
CA LEU A 215 -0.79 -14.82 24.21
C LEU A 215 -2.11 -15.40 23.69
N ILE A 216 -2.42 -15.18 22.42
CA ILE A 216 -3.75 -15.57 21.98
C ILE A 216 -3.88 -17.08 21.92
N ASN A 217 -2.76 -17.79 21.79
CA ASN A 217 -2.80 -19.24 21.75
C ASN A 217 -2.69 -19.86 23.14
N SER A 218 -2.64 -19.05 24.20
CA SER A 218 -2.51 -19.56 25.56
C SER A 218 -3.63 -19.17 26.51
N VAL A 219 -4.20 -17.97 26.38
CA VAL A 219 -5.22 -17.49 27.31
C VAL A 219 -6.39 -16.90 26.53
N GLU A 220 -7.49 -16.74 27.24
CA GLU A 220 -8.65 -16.05 26.69
C GLU A 220 -8.33 -14.56 26.55
N VAL A 221 -8.50 -14.03 25.34
CA VAL A 221 -8.17 -12.64 25.04
C VAL A 221 -9.42 -11.96 24.49
N HIS A 222 -9.74 -10.78 25.04
CA HIS A 222 -10.94 -10.06 24.64
C HIS A 222 -10.68 -8.86 23.75
N GLY A 223 -9.48 -8.29 23.77
CA GLY A 223 -9.21 -7.13 22.93
C GLY A 223 -7.73 -6.92 22.77
N LEU A 224 -7.36 -6.37 21.60
CA LEU A 224 -5.96 -6.12 21.25
C LEU A 224 -5.90 -4.77 20.55
N ALA A 225 -5.02 -3.87 21.00
CA ALA A 225 -4.98 -2.51 20.46
C ALA A 225 -3.54 -2.00 20.37
N ALA A 226 -3.09 -1.69 19.15
CA ALA A 226 -1.82 -0.99 19.00
C ALA A 226 -2.00 0.50 19.26
N ILE A 227 -1.10 1.10 20.03
CA ILE A 227 -1.27 2.48 20.47
C ILE A 227 -0.51 3.35 19.47
N THR A 228 -1.25 3.82 18.47
CA THR A 228 -0.68 4.54 17.34
C THR A 228 -1.34 5.91 17.24
N GLY A 229 -1.72 6.35 16.05
CA GLY A 229 -2.35 7.66 15.96
C GLY A 229 -3.60 7.70 16.81
N GLY A 230 -3.75 8.77 17.61
CA GLY A 230 -4.84 8.85 18.55
C GLY A 230 -4.51 8.38 19.94
N GLY A 231 -3.35 7.75 20.13
CA GLY A 231 -2.92 7.35 21.46
C GLY A 231 -3.93 6.44 22.13
N LEU A 232 -4.27 6.75 23.38
CA LEU A 232 -5.21 5.90 24.10
C LEU A 232 -6.61 5.90 23.49
N LEU A 233 -6.95 6.88 22.64
CA LEU A 233 -8.27 6.88 22.04
C LEU A 233 -8.52 5.64 21.19
N ASN A 234 -7.45 4.96 20.77
CA ASN A 234 -7.62 3.74 20.00
C ASN A 234 -8.42 2.69 20.77
N LEU A 235 -8.39 2.73 22.10
CA LEU A 235 -9.15 1.75 22.87
C LEU A 235 -10.65 1.82 22.60
N LYS A 236 -11.16 3.00 22.26
CA LYS A 236 -12.60 3.15 22.03
C LYS A 236 -13.04 2.45 20.74
N ARG A 237 -12.10 2.04 19.90
CA ARG A 237 -12.42 1.23 18.74
C ARG A 237 -12.81 -0.20 19.11
N LEU A 238 -12.46 -0.65 20.31
CA LEU A 238 -12.69 -2.03 20.70
C LEU A 238 -14.04 -2.23 21.36
N THR A 239 -14.56 -1.20 22.03
CA THR A 239 -15.68 -1.39 22.92
C THR A 239 -16.27 -0.03 23.23
N ASN A 240 -17.53 -0.04 23.64
CA ASN A 240 -18.16 1.14 24.18
C ASN A 240 -18.00 1.24 25.70
N TYR A 241 -17.48 0.21 26.35
CA TYR A 241 -17.24 0.27 27.78
C TYR A 241 -16.12 1.25 28.09
N GLY A 242 -16.07 1.66 29.36
CA GLY A 242 -15.05 2.58 29.80
C GLY A 242 -13.78 1.87 30.24
N PHE A 243 -12.74 2.67 30.44
CA PHE A 243 -11.47 2.20 30.96
C PHE A 243 -11.04 3.06 32.13
N GLU A 244 -10.46 2.42 33.14
CA GLU A 244 -9.85 3.11 34.27
C GLU A 244 -8.41 2.62 34.35
N LEU A 245 -7.46 3.52 34.11
CA LEU A 245 -6.06 3.18 33.88
C LEU A 245 -5.14 3.98 34.77
N GLU A 246 -3.99 3.38 35.09
CA GLU A 246 -2.86 4.13 35.65
C GLU A 246 -1.71 3.98 34.68
N MET A 247 -1.31 5.09 34.07
CA MET A 247 -0.30 5.04 33.03
C MET A 247 1.11 5.18 33.63
N PRO A 248 2.14 4.69 32.93
CA PRO A 248 3.50 4.72 33.50
C PRO A 248 3.99 6.14 33.68
N PRO A 249 5.05 6.32 34.48
CA PRO A 249 5.69 7.64 34.57
C PRO A 249 6.07 8.14 33.18
N ILE A 250 6.01 9.45 33.02
CA ILE A 250 6.38 10.11 31.79
C ILE A 250 7.89 10.23 31.74
N GLU A 251 8.52 9.60 30.74
CA GLU A 251 9.96 9.42 30.75
C GLU A 251 10.48 9.65 29.34
N GLY A 252 11.81 9.78 29.22
CA GLY A 252 12.44 9.83 27.91
C GLY A 252 11.97 11.00 27.07
N ILE A 253 11.79 10.75 25.78
CA ILE A 253 11.39 11.82 24.86
C ILE A 253 10.04 12.41 25.26
N PHE A 254 9.16 11.60 25.85
CA PHE A 254 7.85 12.12 26.23
C PHE A 254 7.98 13.18 27.32
N LYS A 255 8.92 12.99 28.24
CA LYS A 255 9.15 13.98 29.29
C LYS A 255 9.65 15.29 28.69
N LEU A 256 10.62 15.20 27.78
CA LEU A 256 11.11 16.40 27.12
C LEU A 256 9.99 17.13 26.37
N ILE A 257 9.12 16.38 25.69
CA ILE A 257 8.01 17.02 24.99
C ILE A 257 7.08 17.69 25.99
N HIS A 258 6.78 16.99 27.09
CA HIS A 258 5.91 17.53 28.11
C HIS A 258 6.49 18.80 28.72
N GLU A 259 7.80 18.81 28.97
CA GLU A 259 8.48 19.97 29.54
C GLU A 259 8.53 21.14 28.58
N ASN A 260 8.14 20.94 27.32
CA ASN A 260 8.09 22.04 26.37
C ASN A 260 6.66 22.51 26.13
N GLY A 261 5.74 22.17 27.03
CA GLY A 261 4.45 22.82 27.08
C GLY A 261 3.27 22.10 26.46
N VAL A 262 3.42 20.87 26.00
CA VAL A 262 2.25 20.15 25.46
C VAL A 262 1.39 19.68 26.62
N PRO A 263 0.08 19.95 26.62
CA PRO A 263 -0.77 19.50 27.72
C PRO A 263 -0.88 17.98 27.74
N LEU A 264 -1.06 17.43 28.95
CA LEU A 264 -1.04 15.99 29.10
C LEU A 264 -2.22 15.31 28.43
N ASP A 265 -3.40 15.94 28.41
CA ASP A 265 -4.51 15.29 27.71
C ASP A 265 -4.18 15.16 26.22
N GLU A 266 -3.61 16.21 25.63
CA GLU A 266 -3.16 16.09 24.24
C GLU A 266 -2.11 15.00 24.11
N MET A 267 -1.15 14.90 25.05
CA MET A 267 -0.12 13.91 24.80
C MET A 267 -0.66 12.49 24.83
N PHE A 268 -1.65 12.21 25.69
CA PHE A 268 -2.21 10.86 25.69
C PHE A 268 -3.07 10.59 24.45
N ARG A 269 -3.45 11.63 23.70
CA ARG A 269 -4.14 11.47 22.44
C ARG A 269 -3.19 11.45 21.23
N VAL A 270 -1.90 11.72 21.41
CA VAL A 270 -0.96 11.85 20.30
C VAL A 270 0.15 10.81 20.39
N PHE A 271 0.72 10.62 21.58
CA PHE A 271 1.90 9.80 21.79
C PHE A 271 1.53 8.52 22.54
N ASN A 272 2.39 7.50 22.40
CA ASN A 272 2.05 6.28 23.13
C ASN A 272 2.42 6.37 24.60
N MET A 273 3.26 7.37 24.98
CA MET A 273 3.50 7.68 26.38
C MET A 273 4.15 6.53 27.12
N GLY A 274 4.75 5.60 26.38
CA GLY A 274 5.45 4.48 26.96
C GLY A 274 4.76 3.15 26.79
N VAL A 275 3.51 3.14 26.31
CA VAL A 275 2.72 1.92 26.15
C VAL A 275 2.43 1.75 24.67
N GLY A 276 3.08 0.78 24.04
CA GLY A 276 2.93 0.62 22.60
C GLY A 276 1.78 -0.27 22.17
N PHE A 277 1.28 -1.10 23.08
CA PHE A 277 0.27 -2.08 22.72
C PHE A 277 -0.50 -2.41 23.99
N ILE A 278 -1.82 -2.53 23.88
CA ILE A 278 -2.65 -2.86 25.04
C ILE A 278 -3.46 -4.11 24.76
N VAL A 279 -3.57 -4.99 25.77
CA VAL A 279 -4.38 -6.19 25.64
C VAL A 279 -5.43 -6.17 26.76
N VAL A 280 -6.59 -6.73 26.45
CA VAL A 280 -7.69 -6.81 27.41
C VAL A 280 -8.04 -8.29 27.58
N VAL A 281 -7.99 -8.78 28.81
CA VAL A 281 -8.24 -10.19 29.11
C VAL A 281 -9.13 -10.26 30.35
N PRO A 282 -9.87 -11.37 30.53
CA PRO A 282 -10.63 -11.51 31.78
C PRO A 282 -9.68 -11.58 32.96
N GLN A 283 -10.15 -11.13 34.12
CA GLN A 283 -9.28 -11.03 35.31
C GLN A 283 -8.57 -12.32 35.63
N GLU A 284 -9.24 -13.46 35.45
CA GLU A 284 -8.63 -14.72 35.81
C GLU A 284 -7.42 -15.06 34.94
N GLU A 285 -7.26 -14.39 33.80
CA GLU A 285 -6.12 -14.61 32.92
C GLU A 285 -5.00 -13.61 33.14
N LYS A 286 -5.17 -12.65 34.05
CA LYS A 286 -4.26 -11.51 34.10
C LYS A 286 -2.83 -11.92 34.40
N GLU A 287 -2.64 -12.79 35.42
CA GLU A 287 -1.28 -13.17 35.79
C GLU A 287 -0.62 -14.01 34.70
N GLU A 288 -1.38 -14.91 34.08
CA GLU A 288 -0.80 -15.69 32.99
C GLU A 288 -0.48 -14.81 31.79
N ALA A 289 -1.35 -13.83 31.50
CA ALA A 289 -1.07 -12.91 30.41
C ALA A 289 0.19 -12.09 30.69
N LEU A 290 0.32 -11.59 31.92
CA LEU A 290 1.52 -10.81 32.26
C LEU A 290 2.78 -11.66 32.15
N GLU A 291 2.72 -12.92 32.56
CA GLU A 291 3.90 -13.77 32.45
C GLU A 291 4.30 -14.01 31.00
N ILE A 292 3.31 -14.26 30.14
CA ILE A 292 3.61 -14.51 28.73
C ILE A 292 4.20 -13.25 28.10
N LEU A 293 3.53 -12.10 28.29
CA LEU A 293 4.01 -10.89 27.63
C LEU A 293 5.36 -10.46 28.20
N SER A 294 5.55 -10.64 29.51
CA SER A 294 6.78 -10.19 30.14
C SER A 294 7.98 -11.04 29.77
N ARG A 295 7.79 -12.21 29.14
CA ARG A 295 8.95 -12.90 28.57
C ARG A 295 9.63 -12.03 27.53
N HIS A 296 8.85 -11.23 26.80
CA HIS A 296 9.30 -10.57 25.59
C HIS A 296 9.61 -9.10 25.80
N TYR A 297 8.83 -8.42 26.63
CA TYR A 297 8.98 -6.98 26.83
C TYR A 297 8.42 -6.65 28.20
N LYS A 298 8.91 -5.54 28.75
CA LYS A 298 8.33 -5.04 29.98
C LYS A 298 6.85 -4.78 29.78
N SER A 299 6.03 -5.34 30.67
CA SER A 299 4.58 -5.29 30.52
C SER A 299 3.97 -5.15 31.91
N TYR A 300 2.80 -4.54 31.98
CA TYR A 300 2.29 -4.27 33.32
C TYR A 300 0.79 -4.09 33.30
N GLU A 301 0.19 -4.29 34.47
CA GLU A 301 -1.23 -4.08 34.66
C GLU A 301 -1.52 -2.58 34.65
N LEU A 302 -2.38 -2.15 33.73
CA LEU A 302 -2.77 -0.74 33.63
C LEU A 302 -4.05 -0.43 34.37
N GLY A 303 -4.99 -1.36 34.39
CA GLY A 303 -6.26 -1.09 35.02
C GLY A 303 -7.35 -2.04 34.59
N ASN A 304 -8.56 -1.52 34.45
CA ASN A 304 -9.73 -2.36 34.27
C ASN A 304 -10.73 -1.67 33.35
N VAL A 305 -11.58 -2.50 32.75
CA VAL A 305 -12.72 -2.03 31.98
C VAL A 305 -13.85 -1.69 32.97
N THR A 306 -14.60 -0.62 32.68
CA THR A 306 -15.64 -0.15 33.58
C THR A 306 -16.98 -0.05 32.84
N ARG A 307 -18.02 0.33 33.57
CA ARG A 307 -19.30 0.67 32.98
C ARG A 307 -19.47 2.16 32.72
N GLU A 308 -18.42 2.97 32.87
CA GLU A 308 -18.48 4.38 32.50
C GLU A 308 -18.28 4.47 31.01
N LEU A 309 -19.37 4.23 30.28
CA LEU A 309 -19.33 4.05 28.83
C LEU A 309 -18.61 5.20 28.14
N GLY A 310 -17.69 4.86 27.25
CA GLY A 310 -17.04 5.83 26.39
C GLY A 310 -15.98 6.70 27.03
N LYS A 311 -15.63 6.48 28.30
CA LYS A 311 -14.62 7.30 28.97
C LYS A 311 -13.35 6.48 29.16
N ILE A 312 -12.21 7.13 28.99
CA ILE A 312 -10.91 6.58 29.40
C ILE A 312 -10.38 7.47 30.51
N LYS A 313 -10.36 6.98 31.73
CA LYS A 313 -9.91 7.74 32.87
C LYS A 313 -8.48 7.32 33.21
N VAL A 314 -7.52 8.23 32.99
CA VAL A 314 -6.14 8.01 33.40
C VAL A 314 -6.05 8.55 34.83
N LYS A 315 -6.32 7.66 35.79
CA LYS A 315 -6.51 8.03 37.20
C LYS A 315 -5.32 8.77 37.78
N ASN A 316 -4.11 8.27 37.56
CA ASN A 316 -2.97 8.82 38.26
C ASN A 316 -2.49 10.14 37.68
N TYR A 317 -3.07 10.59 36.57
CA TYR A 317 -2.77 11.90 36.02
C TYR A 317 -3.98 12.82 36.06
N GLY A 318 -5.14 12.34 36.49
CA GLY A 318 -6.33 13.16 36.53
C GLY A 318 -6.84 13.58 35.17
N ILE A 319 -6.68 12.74 34.15
CA ILE A 319 -7.07 13.03 32.77
C ILE A 319 -8.20 12.09 32.40
N THR A 320 -9.26 12.65 31.80
CA THR A 320 -10.31 11.83 31.22
C THR A 320 -10.36 12.08 29.72
N LEU A 321 -10.21 11.02 28.93
N LEU A 321 -10.24 11.01 28.94
CA LEU A 321 -10.33 11.14 27.48
CA LEU A 321 -10.26 11.06 27.48
C LEU A 321 -11.66 10.55 26.98
C LEU A 321 -11.60 10.55 26.95
N THR B 1 17.25 3.72 -11.10
CA THR B 1 16.25 3.17 -10.20
C THR B 1 16.42 1.66 -10.02
N ALA B 2 16.66 0.94 -11.13
CA ALA B 2 16.83 -0.51 -11.03
C ALA B 2 18.06 -0.85 -10.18
N ARG B 3 19.13 -0.09 -10.31
CA ARG B 3 20.33 -0.35 -9.54
C ARG B 3 20.10 -0.12 -8.05
N ALA B 4 19.41 0.96 -7.70
CA ALA B 4 19.11 1.19 -6.29
C ALA B 4 18.17 0.13 -5.75
N LEU B 5 17.20 -0.29 -6.57
CA LEU B 5 16.22 -1.28 -6.15
C LEU B 5 16.83 -2.65 -5.92
N ARG B 6 18.00 -2.92 -6.49
CA ARG B 6 18.54 -4.29 -6.43
C ARG B 6 18.77 -4.73 -5.00
N GLU B 7 19.15 -3.81 -4.11
CA GLU B 7 19.45 -4.21 -2.74
C GLU B 7 18.16 -4.53 -1.99
N ILE B 8 17.09 -3.81 -2.28
CA ILE B 8 15.80 -4.12 -1.66
C ILE B 8 15.26 -5.45 -2.19
N ILE B 9 15.35 -5.68 -3.50
CA ILE B 9 14.86 -6.93 -4.09
C ILE B 9 15.64 -8.12 -3.52
N ARG B 10 16.97 -8.01 -3.43
CA ARG B 10 17.73 -9.14 -2.93
C ARG B 10 17.36 -9.46 -1.48
N THR B 11 17.17 -8.41 -0.67
CA THR B 11 16.74 -8.63 0.72
C THR B 11 15.35 -9.25 0.77
N ALA B 12 14.42 -8.75 -0.04
CA ALA B 12 13.08 -9.33 -0.05
C ALA B 12 13.14 -10.81 -0.39
N ARG B 13 13.97 -11.20 -1.37
CA ARG B 13 14.07 -12.62 -1.69
C ARG B 13 14.56 -13.43 -0.50
N GLU B 14 15.45 -12.85 0.32
CA GLU B 14 15.90 -13.56 1.51
C GLU B 14 14.82 -13.73 2.56
N THR B 15 13.73 -12.95 2.50
CA THR B 15 12.67 -13.14 3.47
C THR B 15 11.67 -14.23 3.06
N PHE B 16 11.73 -14.70 1.81
CA PHE B 16 10.77 -15.72 1.37
C PHE B 16 10.80 -16.93 2.29
N LYS B 17 11.99 -17.30 2.75
CA LYS B 17 12.16 -18.49 3.59
C LYS B 17 11.35 -18.41 4.87
N LEU B 18 10.92 -17.22 5.28
CA LEU B 18 10.17 -17.12 6.53
C LEU B 18 8.78 -17.72 6.41
N ARG B 19 8.30 -17.94 5.19
CA ARG B 19 7.00 -18.59 4.98
C ARG B 19 7.16 -19.92 4.26
N LYS B 20 8.38 -20.43 4.16
CA LYS B 20 8.63 -21.69 3.47
C LYS B 20 7.80 -22.80 4.08
N GLY B 21 7.04 -23.49 3.24
CA GLY B 21 6.18 -24.57 3.70
C GLY B 21 5.02 -24.13 4.55
N LYS B 22 4.71 -22.84 4.57
CA LYS B 22 3.61 -22.32 5.37
C LYS B 22 2.62 -21.61 4.45
N VAL B 23 1.43 -21.35 4.99
CA VAL B 23 0.47 -20.54 4.25
C VAL B 23 1.13 -19.19 3.96
N GLY B 24 0.97 -18.70 2.74
CA GLY B 24 1.61 -17.47 2.34
C GLY B 24 2.94 -17.61 1.64
N GLU B 25 3.46 -18.83 1.50
CA GLU B 25 4.72 -19.03 0.77
C GLU B 25 4.66 -18.34 -0.59
N PRO B 26 5.59 -17.45 -0.90
CA PRO B 26 5.51 -16.66 -2.12
C PRO B 26 6.26 -17.26 -3.29
N GLY B 27 5.87 -16.82 -4.48
CA GLY B 27 6.70 -16.96 -5.67
C GLY B 27 7.74 -15.87 -5.71
N ASP B 28 8.35 -15.70 -6.88
CA ASP B 28 9.45 -14.75 -6.99
C ASP B 28 8.93 -13.33 -7.25
N ILE B 29 9.77 -12.38 -6.89
CA ILE B 29 9.55 -10.97 -7.23
C ILE B 29 9.91 -10.75 -8.69
N GLY B 30 9.21 -9.81 -9.32
CA GLY B 30 9.52 -9.47 -10.69
C GLY B 30 8.30 -9.43 -11.57
N HIS B 31 7.29 -10.24 -11.30
N HIS B 31 7.30 -10.25 -11.25
CA HIS B 31 6.11 -10.17 -12.14
CA HIS B 31 6.02 -10.32 -11.93
C HIS B 31 5.23 -9.01 -11.71
C HIS B 31 5.18 -9.08 -11.62
N TYR B 32 4.05 -8.94 -12.32
CA TYR B 32 3.16 -7.82 -12.08
C TYR B 32 2.51 -7.90 -10.70
N ALA B 33 2.48 -9.08 -10.09
CA ALA B 33 1.91 -9.24 -8.76
C ALA B 33 2.66 -10.37 -8.08
N ALA B 34 2.56 -10.39 -6.76
CA ALA B 34 3.10 -11.50 -5.99
C ALA B 34 2.05 -12.59 -5.90
N LEU B 35 2.49 -13.85 -5.93
CA LEU B 35 1.60 -14.99 -5.77
C LEU B 35 1.93 -15.69 -4.46
N LEU B 36 0.92 -15.89 -3.61
CA LEU B 36 1.11 -16.48 -2.28
C LEU B 36 0.28 -17.75 -2.18
N ASP B 37 0.91 -18.83 -1.72
CA ASP B 37 0.28 -20.15 -1.67
C ASP B 37 -0.65 -20.24 -0.47
N PHE B 38 -1.96 -20.35 -0.74
CA PHE B 38 -2.94 -20.59 0.31
C PHE B 38 -3.53 -21.99 0.24
N GLY B 39 -2.80 -22.93 -0.36
CA GLY B 39 -3.22 -24.30 -0.40
C GLY B 39 -3.98 -24.64 -1.66
N ASN B 40 -5.28 -24.35 -1.68
CA ASN B 40 -6.10 -24.64 -2.84
C ASN B 40 -6.02 -23.57 -3.91
N PHE B 41 -5.44 -22.41 -3.59
CA PHE B 41 -5.39 -21.30 -4.52
C PHE B 41 -4.20 -20.42 -4.18
N TYR B 42 -3.89 -19.50 -5.07
CA TYR B 42 -2.92 -18.44 -4.79
C TYR B 42 -3.66 -17.14 -4.54
N LEU B 43 -3.18 -16.40 -3.55
CA LEU B 43 -3.58 -15.00 -3.45
C LEU B 43 -2.57 -14.17 -4.22
N ALA B 44 -3.07 -13.25 -5.04
CA ALA B 44 -2.22 -12.33 -5.77
C ALA B 44 -2.26 -10.97 -5.08
N MET B 45 -1.11 -10.30 -5.02
CA MET B 45 -0.99 -9.06 -4.25
C MET B 45 -0.11 -8.09 -5.02
N THR B 46 -0.56 -6.84 -5.15
CA THR B 46 0.19 -5.82 -5.88
C THR B 46 -0.07 -4.45 -5.27
N THR B 47 0.88 -3.52 -5.47
CA THR B 47 0.71 -2.16 -4.97
C THR B 47 1.26 -1.18 -6.00
N ASP B 48 0.63 -0.01 -6.09
CA ASP B 48 1.04 0.99 -7.06
C ASP B 48 0.36 2.30 -6.71
N GLY B 49 1.01 3.41 -7.10
CA GLY B 49 0.43 4.73 -6.90
C GLY B 49 0.19 5.44 -8.21
N VAL B 50 -0.60 6.51 -8.13
CA VAL B 50 -0.99 7.24 -9.33
C VAL B 50 0.21 7.93 -9.97
N GLY B 51 1.07 8.53 -9.16
CA GLY B 51 2.22 9.27 -9.67
C GLY B 51 1.91 10.75 -9.78
N THR B 52 2.79 11.46 -10.50
CA THR B 52 2.68 12.91 -10.54
C THR B 52 1.52 13.41 -11.37
N LYS B 53 0.73 12.52 -11.99
CA LYS B 53 -0.59 12.91 -12.49
C LYS B 53 -1.35 13.73 -11.45
N VAL B 54 -1.15 13.42 -10.16
CA VAL B 54 -1.91 14.14 -9.15
C VAL B 54 -1.50 15.61 -9.07
N LEU B 55 -0.31 15.98 -9.56
CA LEU B 55 0.07 17.39 -9.56
C LEU B 55 -0.71 18.17 -10.61
N VAL B 56 -1.06 17.52 -11.72
CA VAL B 56 -1.93 18.15 -12.70
C VAL B 56 -3.34 18.27 -12.14
N ALA B 57 -3.82 17.22 -11.46
CA ALA B 57 -5.14 17.25 -10.84
C ALA B 57 -5.26 18.44 -9.89
N GLU B 58 -4.24 18.64 -9.06
CA GLU B 58 -4.30 19.75 -8.10
C GLU B 58 -4.20 21.10 -8.81
N ALA B 59 -3.39 21.17 -9.88
CA ALA B 59 -3.20 22.44 -10.57
C ALA B 59 -4.50 22.96 -11.16
N VAL B 60 -5.32 22.07 -11.72
CA VAL B 60 -6.57 22.54 -12.33
C VAL B 60 -7.78 22.30 -11.45
N GLY B 61 -7.62 21.61 -10.33
CA GLY B 61 -8.75 21.34 -9.45
C GLY B 61 -9.64 20.20 -9.84
N LYS B 62 -9.12 19.21 -10.58
CA LYS B 62 -9.93 18.07 -11.03
C LYS B 62 -9.40 16.80 -10.37
N PHE B 63 -10.12 16.32 -9.36
CA PHE B 63 -9.69 15.19 -8.56
C PHE B 63 -10.61 13.98 -8.69
N ASP B 64 -11.69 14.09 -9.45
CA ASP B 64 -12.69 13.02 -9.46
C ASP B 64 -12.32 11.85 -10.35
N THR B 65 -11.11 11.82 -10.91
CA THR B 65 -10.68 10.67 -11.69
C THR B 65 -9.38 10.04 -11.21
N ILE B 66 -8.61 10.66 -10.31
CA ILE B 66 -7.36 10.02 -9.91
C ILE B 66 -7.63 8.74 -9.11
N GLY B 67 -8.80 8.63 -8.49
CA GLY B 67 -9.15 7.39 -7.82
C GLY B 67 -9.42 6.27 -8.80
N ILE B 68 -9.89 6.61 -9.99
CA ILE B 68 -9.98 5.61 -11.06
C ILE B 68 -8.59 5.15 -11.47
N ASP B 69 -7.66 6.11 -11.64
CA ASP B 69 -6.29 5.72 -11.97
C ASP B 69 -5.73 4.76 -10.94
N MET B 70 -5.92 5.06 -9.65
CA MET B 70 -5.35 4.20 -8.61
C MET B 70 -5.91 2.79 -8.71
N ILE B 71 -7.24 2.67 -8.77
CA ILE B 71 -7.86 1.35 -8.79
C ILE B 71 -7.48 0.62 -10.06
N ALA B 72 -7.53 1.33 -11.20
CA ALA B 72 -7.21 0.69 -12.48
C ALA B 72 -5.81 0.10 -12.48
N MET B 73 -4.81 0.86 -12.04
CA MET B 73 -3.45 0.34 -12.19
C MET B 73 -3.27 -0.89 -11.30
N ASN B 74 -3.88 -0.90 -10.12
CA ASN B 74 -3.72 -2.06 -9.23
C ASN B 74 -4.51 -3.27 -9.73
N VAL B 75 -5.77 -3.10 -10.13
CA VAL B 75 -6.49 -4.29 -10.59
C VAL B 75 -5.92 -4.79 -11.91
N ASN B 76 -5.43 -3.89 -12.77
CA ASN B 76 -4.88 -4.36 -14.04
C ASN B 76 -3.62 -5.19 -13.81
N ASP B 77 -2.85 -4.86 -12.76
CA ASP B 77 -1.66 -5.66 -12.48
C ASP B 77 -2.05 -7.04 -11.97
N LEU B 78 -3.13 -7.14 -11.19
CA LEU B 78 -3.57 -8.47 -10.75
C LEU B 78 -3.94 -9.35 -11.93
N LEU B 79 -4.55 -8.75 -12.96
CA LEU B 79 -4.92 -9.53 -14.14
C LEU B 79 -3.72 -10.19 -14.79
N CYS B 80 -2.54 -9.58 -14.65
CA CYS B 80 -1.37 -10.05 -15.36
C CYS B 80 -0.70 -11.25 -14.71
N VAL B 81 -1.27 -11.80 -13.63
CA VAL B 81 -0.89 -13.15 -13.21
C VAL B 81 -2.07 -14.10 -13.40
N GLY B 82 -3.15 -13.63 -14.02
CA GLY B 82 -4.33 -14.43 -14.23
C GLY B 82 -5.36 -14.36 -13.12
N ALA B 83 -5.26 -13.38 -12.23
CA ALA B 83 -6.08 -13.34 -11.02
C ALA B 83 -7.36 -12.52 -11.20
N GLU B 84 -8.39 -12.93 -10.48
CA GLU B 84 -9.61 -12.13 -10.34
C GLU B 84 -9.43 -11.11 -9.23
N PRO B 85 -9.50 -9.81 -9.52
CA PRO B 85 -9.38 -8.81 -8.44
C PRO B 85 -10.55 -8.88 -7.46
N LEU B 86 -10.26 -8.71 -6.18
CA LEU B 86 -11.27 -8.83 -5.14
C LEU B 86 -11.40 -7.59 -4.28
N ALA B 87 -10.30 -7.03 -3.80
CA ALA B 87 -10.37 -6.03 -2.75
C ALA B 87 -9.15 -5.15 -2.78
N LEU B 88 -9.30 -3.93 -2.26
CA LEU B 88 -8.21 -2.96 -2.32
C LEU B 88 -8.24 -2.11 -1.06
N VAL B 89 -7.06 -1.67 -0.61
CA VAL B 89 -6.95 -0.59 0.37
C VAL B 89 -6.27 0.59 -0.30
N ASP B 90 -6.59 1.82 0.13
CA ASP B 90 -5.94 2.98 -0.46
C ASP B 90 -5.07 3.67 0.57
N TYR B 91 -3.91 4.14 0.13
CA TYR B 91 -2.99 4.91 0.94
C TYR B 91 -2.97 6.33 0.39
N PHE B 92 -3.39 7.30 1.20
CA PHE B 92 -3.57 8.66 0.72
C PHE B 92 -2.69 9.56 1.59
N ALA B 93 -1.58 10.02 1.02
CA ALA B 93 -0.61 10.84 1.74
C ALA B 93 -0.74 12.25 1.18
N VAL B 94 -1.10 13.20 2.05
CA VAL B 94 -1.61 14.48 1.55
C VAL B 94 -0.93 15.63 2.28
N LYS B 95 -0.83 16.78 1.57
CA LYS B 95 -0.30 17.99 2.20
C LYS B 95 -1.26 18.54 3.25
N GLU B 96 -2.56 18.30 3.08
CA GLU B 96 -3.55 18.88 3.97
C GLU B 96 -4.87 18.15 3.79
N PRO B 97 -5.71 18.14 4.82
CA PRO B 97 -7.02 17.46 4.73
C PRO B 97 -8.10 18.35 4.10
N ASN B 98 -7.90 18.67 2.83
CA ASN B 98 -8.86 19.50 2.09
C ASN B 98 -10.13 18.71 1.82
N GLU B 99 -11.22 19.09 2.46
CA GLU B 99 -12.45 18.30 2.38
C GLU B 99 -12.99 18.25 0.96
N GLU B 100 -12.83 19.32 0.19
CA GLU B 100 -13.31 19.31 -1.18
C GLU B 100 -12.51 18.34 -2.05
N VAL B 101 -11.19 18.34 -1.89
CA VAL B 101 -10.36 17.38 -2.60
C VAL B 101 -10.78 15.96 -2.28
N PHE B 102 -10.96 15.66 -0.98
CA PHE B 102 -11.33 14.30 -0.58
C PHE B 102 -12.68 13.91 -1.17
N LYS B 103 -13.64 14.86 -1.20
CA LYS B 103 -14.95 14.57 -1.78
C LYS B 103 -14.83 14.18 -3.26
N GLN B 104 -14.05 14.93 -4.03
CA GLN B 104 -13.81 14.59 -5.44
C GLN B 104 -13.11 13.25 -5.58
N VAL B 105 -12.05 13.03 -4.79
CA VAL B 105 -11.30 11.78 -4.88
C VAL B 105 -12.24 10.60 -4.67
N ALA B 106 -13.16 10.71 -3.72
CA ALA B 106 -14.07 9.61 -3.42
C ALA B 106 -14.98 9.26 -4.59
N LYS B 107 -15.34 10.24 -5.42
CA LYS B 107 -16.19 9.94 -6.57
C LYS B 107 -15.49 8.99 -7.55
N GLY B 108 -14.22 9.25 -7.84
CA GLY B 108 -13.48 8.39 -8.75
C GLY B 108 -13.14 7.05 -8.14
N LEU B 109 -12.89 7.01 -6.83
CA LEU B 109 -12.74 5.72 -6.15
C LEU B 109 -13.97 4.85 -6.35
N TYR B 110 -15.17 5.42 -6.21
CA TYR B 110 -16.36 4.61 -6.38
C TYR B 110 -16.48 4.10 -7.82
N LYS B 111 -16.35 5.01 -8.80
CA LYS B 111 -16.46 4.62 -10.20
C LYS B 111 -15.50 3.50 -10.56
N GLY B 112 -14.23 3.63 -10.15
CA GLY B 112 -13.25 2.62 -10.49
C GLY B 112 -13.54 1.29 -9.80
N ALA B 113 -13.95 1.34 -8.53
CA ALA B 113 -14.24 0.10 -7.82
C ALA B 113 -15.40 -0.63 -8.48
N GLU B 114 -16.44 0.12 -8.88
CA GLU B 114 -17.61 -0.49 -9.48
C GLU B 114 -17.27 -1.12 -10.83
N GLU B 115 -16.46 -0.44 -11.64
CA GLU B 115 -16.04 -1.01 -12.92
C GLU B 115 -15.16 -2.23 -12.76
N ALA B 116 -14.31 -2.25 -11.74
CA ALA B 116 -13.39 -3.37 -11.55
C ALA B 116 -13.99 -4.52 -10.76
N GLY B 117 -15.14 -4.30 -10.09
CA GLY B 117 -15.74 -5.33 -9.28
C GLY B 117 -15.06 -5.59 -7.95
N VAL B 118 -14.44 -4.57 -7.35
CA VAL B 118 -13.68 -4.75 -6.11
C VAL B 118 -14.27 -3.89 -5.01
N ALA B 119 -14.17 -4.38 -3.78
CA ALA B 119 -14.50 -3.57 -2.61
C ALA B 119 -13.27 -2.84 -2.13
N ILE B 120 -13.46 -1.59 -1.71
CA ILE B 120 -12.43 -0.82 -1.01
C ILE B 120 -12.68 -1.04 0.47
N VAL B 121 -11.74 -1.69 1.14
CA VAL B 121 -12.03 -2.32 2.43
C VAL B 121 -11.33 -1.63 3.58
N GLY B 122 -10.48 -0.64 3.30
CA GLY B 122 -9.74 0.05 4.33
C GLY B 122 -8.69 0.92 3.67
N GLY B 123 -7.81 1.47 4.49
CA GLY B 123 -6.82 2.37 3.95
C GLY B 123 -6.07 3.10 5.04
N GLU B 124 -5.35 4.12 4.60
CA GLU B 124 -4.56 4.98 5.48
C GLU B 124 -4.60 6.39 4.93
N THR B 125 -4.71 7.38 5.82
CA THR B 125 -4.69 8.78 5.46
C THR B 125 -3.61 9.46 6.29
N ALA B 126 -2.57 9.97 5.64
CA ALA B 126 -1.42 10.55 6.34
C ALA B 126 -1.24 12.00 5.91
N VAL B 127 -1.42 12.92 6.84
CA VAL B 127 -1.26 14.35 6.57
C VAL B 127 0.18 14.74 6.92
N MET B 128 0.97 15.10 5.91
CA MET B 128 2.42 15.16 6.04
C MET B 128 2.95 16.28 5.14
N PRO B 129 2.61 17.53 5.44
CA PRO B 129 3.03 18.61 4.53
C PRO B 129 4.54 18.77 4.40
N ASP B 130 5.34 18.37 5.39
CA ASP B 130 6.79 18.45 5.20
C ASP B 130 7.29 17.48 4.14
N LEU B 131 6.56 16.40 3.90
CA LEU B 131 7.01 15.33 3.02
C LEU B 131 6.34 15.34 1.65
N ILE B 132 5.09 15.80 1.56
CA ILE B 132 4.26 15.64 0.37
C ILE B 132 3.86 17.01 -0.16
N ASN B 133 4.14 17.25 -1.44
CA ASN B 133 3.79 18.51 -2.11
C ASN B 133 2.52 18.37 -2.92
N GLY B 134 1.55 17.62 -2.44
CA GLY B 134 0.33 17.43 -3.19
C GLY B 134 -0.51 16.36 -2.51
N TYR B 135 -1.19 15.55 -3.31
CA TYR B 135 -2.14 14.54 -2.83
C TYR B 135 -1.74 13.22 -3.49
N ASP B 136 -0.82 12.50 -2.86
CA ASP B 136 -0.28 11.25 -3.39
C ASP B 136 -1.25 10.12 -3.06
N LEU B 137 -1.84 9.51 -4.09
CA LEU B 137 -2.83 8.46 -3.90
C LEU B 137 -2.27 7.15 -4.42
N ALA B 138 -2.22 6.14 -3.54
CA ALA B 138 -1.73 4.82 -3.91
C ALA B 138 -2.67 3.78 -3.33
N GLY B 139 -2.35 2.52 -3.57
CA GLY B 139 -3.23 1.47 -3.07
C GLY B 139 -2.57 0.12 -3.24
N THR B 140 -3.21 -0.88 -2.66
CA THR B 140 -2.78 -2.26 -2.75
C THR B 140 -4.01 -3.12 -3.00
N ALA B 141 -3.91 -4.03 -3.97
CA ALA B 141 -5.04 -4.87 -4.32
C ALA B 141 -4.68 -6.34 -4.15
N ILE B 142 -5.68 -7.14 -3.82
CA ILE B 142 -5.52 -8.58 -3.75
C ILE B 142 -6.53 -9.22 -4.70
N GLY B 143 -6.11 -10.34 -5.26
CA GLY B 143 -6.96 -11.14 -6.13
C GLY B 143 -6.71 -12.62 -5.87
N ILE B 144 -7.45 -13.45 -6.60
CA ILE B 144 -7.38 -14.90 -6.40
C ILE B 144 -7.15 -15.58 -7.74
N VAL B 145 -6.30 -16.61 -7.75
CA VAL B 145 -6.11 -17.44 -8.93
C VAL B 145 -5.94 -18.89 -8.49
N GLU B 146 -6.65 -19.79 -9.17
CA GLU B 146 -6.58 -21.20 -8.81
C GLU B 146 -5.23 -21.79 -9.20
N LYS B 147 -4.81 -22.80 -8.44
CA LYS B 147 -3.63 -23.56 -8.82
C LYS B 147 -3.83 -24.17 -10.19
N GLY B 148 -2.78 -24.13 -11.00
CA GLY B 148 -2.86 -24.57 -12.37
C GLY B 148 -3.39 -23.54 -13.35
N LYS B 149 -3.83 -22.38 -12.88
CA LYS B 149 -4.39 -21.35 -13.76
C LYS B 149 -3.59 -20.05 -13.73
N VAL B 150 -2.38 -20.07 -13.19
CA VAL B 150 -1.56 -18.86 -13.18
C VAL B 150 -1.04 -18.59 -14.59
N ILE B 151 -1.01 -17.31 -14.97
CA ILE B 151 -0.54 -16.89 -16.29
C ILE B 151 0.55 -15.85 -16.08
N THR B 152 1.81 -16.24 -16.28
CA THR B 152 2.93 -15.32 -16.10
C THR B 152 3.78 -15.13 -17.35
N GLY B 153 3.50 -15.84 -18.44
CA GLY B 153 4.33 -15.75 -19.62
C GLY B 153 5.17 -16.98 -19.87
N GLU B 154 5.28 -17.89 -18.89
CA GLU B 154 6.10 -19.09 -19.05
C GLU B 154 5.72 -19.90 -20.27
N ARG B 155 4.43 -19.91 -20.63
CA ARG B 155 4.00 -20.69 -21.79
C ARG B 155 4.16 -19.97 -23.11
N ILE B 156 4.63 -18.71 -23.13
CA ILE B 156 4.81 -18.02 -24.40
C ILE B 156 5.88 -18.74 -25.22
N ARG B 157 5.61 -18.93 -26.50
CA ARG B 157 6.58 -19.56 -27.39
C ARG B 157 6.59 -18.82 -28.71
N PRO B 158 7.70 -18.90 -29.45
CA PRO B 158 7.76 -18.29 -30.78
C PRO B 158 6.58 -18.75 -31.63
N GLY B 159 6.03 -17.81 -32.40
CA GLY B 159 4.85 -18.06 -33.19
C GLY B 159 3.57 -17.52 -32.58
N ASP B 160 3.53 -17.33 -31.26
CA ASP B 160 2.29 -16.91 -30.62
C ASP B 160 1.85 -15.54 -31.14
N SER B 161 0.55 -15.31 -31.07
CA SER B 161 -0.06 -14.05 -31.50
C SER B 161 -0.01 -13.01 -30.39
N VAL B 162 0.31 -11.77 -30.75
CA VAL B 162 0.39 -10.66 -29.80
C VAL B 162 -0.72 -9.69 -30.14
N ILE B 163 -1.62 -9.45 -29.19
CA ILE B 163 -2.81 -8.62 -29.41
C ILE B 163 -2.78 -7.45 -28.44
N GLY B 164 -3.11 -6.26 -28.93
CA GLY B 164 -3.15 -5.06 -28.10
C GLY B 164 -4.58 -4.60 -27.85
N ILE B 165 -4.83 -4.12 -26.64
CA ILE B 165 -6.09 -3.46 -26.32
C ILE B 165 -5.80 -1.97 -26.18
N SER B 166 -6.59 -1.13 -26.84
CA SER B 166 -6.35 0.30 -26.78
C SER B 166 -6.36 0.82 -25.34
N SER B 167 -5.50 1.79 -25.10
CA SER B 167 -5.57 2.61 -23.88
C SER B 167 -6.64 3.67 -24.04
N SER B 168 -7.02 4.28 -22.92
CA SER B 168 -7.89 5.45 -22.97
C SER B 168 -7.11 6.73 -23.25
N GLY B 169 -5.80 6.67 -23.23
CA GLY B 169 -4.92 7.81 -23.32
C GLY B 169 -3.62 7.51 -22.59
N ILE B 170 -3.06 8.57 -21.98
CA ILE B 170 -1.75 8.49 -21.34
C ILE B 170 -1.72 7.54 -20.14
N HIS B 171 -2.86 7.21 -19.57
CA HIS B 171 -2.96 6.39 -18.34
C HIS B 171 -2.14 7.07 -17.24
N SER B 172 -1.25 6.37 -16.54
CA SER B 172 -0.57 6.95 -15.39
C SER B 172 0.94 6.79 -15.44
N ASN B 173 1.53 6.76 -16.62
CA ASN B 173 2.97 6.67 -16.72
C ASN B 173 3.46 7.63 -17.79
N GLY B 174 4.60 8.26 -17.53
CA GLY B 174 5.12 9.31 -18.40
C GLY B 174 4.63 10.70 -18.07
N LEU B 175 3.92 10.86 -16.96
CA LEU B 175 3.35 12.18 -16.65
C LEU B 175 4.42 13.19 -16.30
N THR B 176 5.53 12.78 -15.68
CA THR B 176 6.58 13.75 -15.38
C THR B 176 7.15 14.35 -16.65
N LEU B 177 7.48 13.48 -17.62
CA LEU B 177 7.98 13.99 -18.90
C LEU B 177 6.94 14.89 -19.57
N ALA B 178 5.69 14.43 -19.61
CA ALA B 178 4.66 15.22 -20.29
C ALA B 178 4.43 16.57 -19.61
N ARG B 179 4.35 16.55 -18.27
CA ARG B 179 4.14 17.79 -17.49
C ARG B 179 5.25 18.81 -17.77
N LYS B 180 6.50 18.36 -17.64
CA LYS B 180 7.63 19.27 -17.71
C LYS B 180 7.85 19.77 -19.13
N LEU B 181 7.50 18.96 -20.12
CA LEU B 181 7.67 19.36 -21.51
C LEU B 181 6.57 20.30 -21.98
N LEU B 182 5.32 20.05 -21.60
CA LEU B 182 4.19 20.70 -22.24
C LEU B 182 3.61 21.86 -21.45
N ILE B 183 3.58 21.80 -20.12
CA ILE B 183 2.84 22.82 -19.38
C ILE B 183 3.49 24.20 -19.51
N PRO B 184 4.83 24.34 -19.43
CA PRO B 184 5.39 25.71 -19.50
C PRO B 184 5.12 26.39 -20.83
N LYS B 185 5.17 25.64 -21.92
CA LYS B 185 5.00 26.19 -23.26
C LYS B 185 3.54 26.45 -23.58
N TYR B 186 2.67 25.50 -23.26
CA TYR B 186 1.28 25.55 -23.71
C TYR B 186 0.31 25.94 -22.63
N GLY B 187 0.57 25.58 -21.38
CA GLY B 187 -0.40 25.71 -20.32
C GLY B 187 -1.50 24.66 -20.40
N LEU B 188 -2.11 24.39 -19.24
CA LEU B 188 -3.12 23.33 -19.18
C LEU B 188 -4.41 23.65 -19.93
N ASP B 189 -4.65 24.90 -20.31
CA ASP B 189 -5.85 25.27 -21.06
C ASP B 189 -5.67 25.18 -22.58
N TYR B 190 -4.45 24.90 -23.04
CA TYR B 190 -4.20 24.77 -24.48
C TYR B 190 -5.07 23.70 -25.11
N GLU B 191 -5.76 24.05 -26.20
CA GLU B 191 -6.57 23.09 -26.93
C GLU B 191 -5.75 22.41 -28.02
N TYR B 192 -5.68 21.08 -27.95
CA TYR B 192 -5.01 20.25 -28.95
C TYR B 192 -5.99 19.22 -29.45
N GLU B 193 -6.33 19.29 -30.75
CA GLU B 193 -7.22 18.32 -31.38
C GLU B 193 -8.53 18.20 -30.60
N GLY B 194 -9.05 19.33 -30.16
CA GLY B 194 -10.38 19.41 -29.58
C GLY B 194 -10.46 19.21 -28.08
N ARG B 195 -9.36 18.96 -27.40
CA ARG B 195 -9.37 18.77 -25.95
C ARG B 195 -8.30 19.64 -25.33
N LYS B 196 -8.60 20.19 -24.16
CA LYS B 196 -7.59 20.94 -23.42
C LYS B 196 -6.49 20.02 -22.91
N LEU B 197 -5.31 20.58 -22.71
CA LEU B 197 -4.18 19.76 -22.26
C LEU B 197 -4.50 19.07 -20.94
N TRP B 198 -5.20 19.72 -20.02
CA TRP B 198 -5.51 19.02 -18.77
C TRP B 198 -6.46 17.84 -19.03
N GLU B 199 -7.32 17.93 -20.04
CA GLU B 199 -8.17 16.79 -20.35
C GLU B 199 -7.35 15.61 -20.86
N TRP B 200 -6.37 15.88 -21.72
CA TRP B 200 -5.47 14.82 -22.17
C TRP B 200 -4.71 14.21 -21.00
N LEU B 201 -4.17 15.06 -20.13
CA LEU B 201 -3.28 14.53 -19.08
C LEU B 201 -4.04 13.87 -17.95
N LEU B 202 -5.33 14.17 -17.76
CA LEU B 202 -6.09 13.60 -16.65
C LEU B 202 -7.04 12.49 -17.08
N GLU B 203 -7.12 12.16 -18.36
CA GLU B 203 -8.00 11.09 -18.79
C GLU B 203 -7.75 9.84 -17.92
N PRO B 204 -8.78 9.28 -17.30
CA PRO B 204 -8.54 8.15 -16.37
C PRO B 204 -8.07 6.90 -17.08
N THR B 205 -7.16 6.19 -16.41
CA THR B 205 -6.67 4.90 -16.88
C THR B 205 -7.80 3.91 -17.09
N ARG B 206 -7.72 3.18 -18.20
CA ARG B 206 -8.72 2.18 -18.55
C ARG B 206 -8.61 0.96 -17.64
N ILE B 207 -9.77 0.36 -17.33
CA ILE B 207 -9.85 -0.83 -16.50
C ILE B 207 -10.14 -2.02 -17.41
N TYR B 208 -9.28 -3.05 -17.35
CA TYR B 208 -9.37 -4.18 -18.28
C TYR B 208 -9.94 -5.45 -17.66
N VAL B 209 -10.55 -5.35 -16.46
CA VAL B 209 -10.97 -6.55 -15.74
C VAL B 209 -11.99 -7.35 -16.54
N ARG B 210 -13.06 -6.72 -16.99
CA ARG B 210 -14.10 -7.48 -17.70
C ARG B 210 -13.58 -8.17 -18.95
N PRO B 211 -12.90 -7.49 -19.88
CA PRO B 211 -12.44 -8.21 -21.08
C PRO B 211 -11.43 -9.30 -20.78
N ILE B 212 -10.52 -9.06 -19.84
CA ILE B 212 -9.48 -10.05 -19.60
C ILE B 212 -10.05 -11.27 -18.89
N LEU B 213 -10.95 -11.06 -17.92
CA LEU B 213 -11.52 -12.23 -17.24
C LEU B 213 -12.37 -13.05 -18.22
N GLU B 214 -13.09 -12.38 -19.12
CA GLU B 214 -13.80 -13.14 -20.15
C GLU B 214 -12.83 -13.91 -21.03
N LEU B 215 -11.74 -13.25 -21.44
CA LEU B 215 -10.75 -13.86 -22.31
C LEU B 215 -10.14 -15.12 -21.70
N ILE B 216 -9.67 -15.02 -20.44
CA ILE B 216 -8.97 -16.17 -19.89
C ILE B 216 -9.92 -17.32 -19.59
N ASN B 217 -11.21 -17.05 -19.47
CA ASN B 217 -12.16 -18.15 -19.30
C ASN B 217 -12.70 -18.66 -20.62
N SER B 218 -12.20 -18.15 -21.75
CA SER B 218 -12.72 -18.56 -23.06
C SER B 218 -11.68 -19.18 -23.96
N VAL B 219 -10.44 -18.71 -23.94
CA VAL B 219 -9.40 -19.20 -24.84
C VAL B 219 -8.14 -19.49 -24.04
N GLU B 220 -7.22 -20.24 -24.67
CA GLU B 220 -5.90 -20.44 -24.13
C GLU B 220 -5.13 -19.12 -24.21
N VAL B 221 -4.57 -18.70 -23.08
CA VAL B 221 -3.82 -17.45 -22.96
C VAL B 221 -2.44 -17.78 -22.41
N HIS B 222 -1.41 -17.23 -23.05
CA HIS B 222 -0.02 -17.48 -22.65
C HIS B 222 0.62 -16.32 -21.92
N GLY B 223 0.15 -15.08 -22.10
CA GLY B 223 0.75 -13.98 -21.38
C GLY B 223 -0.18 -12.79 -21.32
N LEU B 224 -0.03 -11.99 -20.27
CA LEU B 224 -0.86 -10.81 -20.04
C LEU B 224 0.02 -9.70 -19.51
N ALA B 225 -0.05 -8.50 -20.09
CA ALA B 225 0.88 -7.43 -19.71
C ALA B 225 0.21 -6.06 -19.76
N ALA B 226 0.15 -5.38 -18.62
CA ALA B 226 -0.28 -3.99 -18.60
C ALA B 226 0.87 -3.09 -19.05
N ILE B 227 0.58 -2.15 -19.95
CA ILE B 227 1.63 -1.33 -20.53
C ILE B 227 1.73 -0.07 -19.68
N THR B 228 2.62 -0.13 -18.69
CA THR B 228 2.74 0.92 -17.69
C THR B 228 4.16 1.48 -17.70
N GLY B 229 4.80 1.59 -16.54
CA GLY B 229 6.15 2.13 -16.51
C GLY B 229 7.10 1.32 -17.36
N GLY B 230 7.85 1.97 -18.25
CA GLY B 230 8.69 1.27 -19.20
C GLY B 230 8.05 1.00 -20.54
N GLY B 231 6.75 1.29 -20.69
CA GLY B 231 6.12 1.15 -22.00
C GLY B 231 6.20 -0.30 -22.50
N LEU B 232 6.56 -0.45 -23.78
CA LEU B 232 6.64 -1.79 -24.35
C LEU B 232 7.68 -2.68 -23.68
N LEU B 233 8.66 -2.11 -22.96
CA LEU B 233 9.65 -2.93 -22.25
C LEU B 233 9.03 -3.90 -21.27
N ASN B 234 7.81 -3.63 -20.81
CA ASN B 234 7.13 -4.58 -19.92
C ASN B 234 6.98 -5.95 -20.56
N LEU B 235 6.93 -6.04 -21.89
CA LEU B 235 6.79 -7.36 -22.52
C LEU B 235 7.96 -8.26 -22.20
N LYS B 236 9.15 -7.68 -21.97
CA LYS B 236 10.32 -8.50 -21.66
C LYS B 236 10.22 -9.16 -20.29
N ARG B 237 9.27 -8.73 -19.46
CA ARG B 237 9.05 -9.39 -18.19
C ARG B 237 8.35 -10.72 -18.36
N LEU B 238 7.63 -10.91 -19.47
CA LEU B 238 6.88 -12.14 -19.69
C LEU B 238 7.75 -13.25 -20.28
N THR B 239 8.77 -12.90 -21.03
CA THR B 239 9.48 -13.90 -21.83
C THR B 239 10.79 -13.32 -22.33
N ASN B 240 11.74 -14.22 -22.61
CA ASN B 240 12.98 -13.85 -23.28
C ASN B 240 12.89 -13.99 -24.80
N TYR B 241 11.82 -14.58 -25.31
CA TYR B 241 11.63 -14.62 -26.76
C TYR B 241 11.37 -13.20 -27.28
N GLY B 242 11.52 -13.04 -28.57
CA GLY B 242 11.39 -11.73 -29.16
C GLY B 242 9.99 -11.41 -29.59
N PHE B 243 9.78 -10.14 -29.94
CA PHE B 243 8.49 -9.66 -30.44
C PHE B 243 8.73 -8.90 -31.74
N GLU B 244 7.82 -9.09 -32.68
CA GLU B 244 7.79 -8.34 -33.92
C GLU B 244 6.41 -7.70 -34.00
N LEU B 245 6.35 -6.38 -33.87
CA LEU B 245 5.10 -5.67 -33.67
C LEU B 245 4.91 -4.56 -34.69
N GLU B 246 3.66 -4.27 -35.00
CA GLU B 246 3.26 -3.07 -35.70
C GLU B 246 2.34 -2.29 -34.76
N MET B 247 2.80 -1.11 -34.33
CA MET B 247 2.03 -0.35 -33.35
C MET B 247 1.07 0.63 -34.03
N PRO B 248 0.02 1.06 -33.34
CA PRO B 248 -0.97 1.95 -33.95
C PRO B 248 -0.36 3.30 -34.33
N PRO B 249 -1.04 4.06 -35.18
CA PRO B 249 -0.59 5.43 -35.47
C PRO B 249 -0.46 6.25 -34.18
N ILE B 250 0.50 7.17 -34.20
CA ILE B 250 0.75 8.04 -33.04
C ILE B 250 -0.29 9.15 -33.07
N GLU B 251 -1.13 9.22 -32.04
CA GLU B 251 -2.24 10.15 -32.06
C GLU B 251 -2.40 10.83 -30.70
N GLY B 252 -3.25 11.85 -30.68
CA GLY B 252 -3.63 12.48 -29.41
C GLY B 252 -2.45 13.04 -28.66
N ILE B 253 -2.44 12.82 -27.35
CA ILE B 253 -1.41 13.41 -26.51
C ILE B 253 -0.02 12.89 -26.90
N PHE B 254 0.08 11.64 -27.38
CA PHE B 254 1.38 11.11 -27.75
C PHE B 254 1.95 11.83 -28.96
N LYS B 255 1.07 12.21 -29.90
CA LYS B 255 1.52 12.96 -31.07
C LYS B 255 2.08 14.32 -30.67
N LEU B 256 1.39 15.01 -29.76
CA LEU B 256 1.89 16.31 -29.30
C LEU B 256 3.24 16.18 -28.61
N ILE B 257 3.41 15.14 -27.79
CA ILE B 257 4.68 14.96 -27.09
C ILE B 257 5.80 14.70 -28.09
N HIS B 258 5.56 13.81 -29.05
CA HIS B 258 6.55 13.53 -30.08
C HIS B 258 6.92 14.80 -30.84
N GLU B 259 5.92 15.59 -31.21
CA GLU B 259 6.17 16.81 -31.99
C GLU B 259 6.96 17.85 -31.20
N ASN B 260 7.01 17.73 -29.87
CA ASN B 260 7.80 18.62 -29.05
C ASN B 260 9.18 18.05 -28.74
N GLY B 261 9.59 17.02 -29.48
CA GLY B 261 10.99 16.65 -29.55
C GLY B 261 11.42 15.38 -28.84
N VAL B 262 10.49 14.57 -28.34
CA VAL B 262 10.83 13.28 -27.74
C VAL B 262 10.95 12.26 -28.86
N PRO B 263 12.11 11.61 -29.03
CA PRO B 263 12.25 10.62 -30.10
C PRO B 263 11.37 9.41 -29.86
N LEU B 264 10.98 8.75 -30.96
CA LEU B 264 10.04 7.63 -30.85
C LEU B 264 10.62 6.49 -30.05
N ASP B 265 11.94 6.26 -30.12
CA ASP B 265 12.44 5.13 -29.35
C ASP B 265 12.30 5.39 -27.87
N GLU B 266 12.47 6.64 -27.44
CA GLU B 266 12.19 6.97 -26.05
C GLU B 266 10.69 6.85 -25.75
N MET B 267 9.83 7.35 -26.64
CA MET B 267 8.41 7.29 -26.32
C MET B 267 7.89 5.87 -26.15
N PHE B 268 8.41 4.91 -26.91
CA PHE B 268 7.93 3.55 -26.69
C PHE B 268 8.46 2.93 -25.41
N ARG B 269 9.47 3.52 -24.77
CA ARG B 269 9.94 3.07 -23.47
C ARG B 269 9.33 3.83 -22.30
N VAL B 270 8.49 4.84 -22.56
CA VAL B 270 7.90 5.69 -21.53
C VAL B 270 6.39 5.62 -21.54
N PHE B 271 5.78 5.75 -22.72
CA PHE B 271 4.32 5.90 -22.87
C PHE B 271 3.70 4.63 -23.44
N ASN B 272 2.39 4.48 -23.24
CA ASN B 272 1.73 3.28 -23.81
C ASN B 272 1.45 3.44 -25.29
N MET B 273 1.49 4.69 -25.78
CA MET B 273 1.42 5.02 -27.22
C MET B 273 0.16 4.49 -27.87
N GLY B 274 -0.89 4.31 -27.09
CA GLY B 274 -2.18 3.89 -27.59
C GLY B 274 -2.56 2.48 -27.21
N VAL B 275 -1.65 1.69 -26.66
CA VAL B 275 -1.90 0.29 -26.32
C VAL B 275 -1.74 0.15 -24.81
N GLY B 276 -2.84 -0.06 -24.11
CA GLY B 276 -2.84 -0.10 -22.66
C GLY B 276 -2.58 -1.47 -22.07
N PHE B 277 -2.82 -2.52 -22.85
CA PHE B 277 -2.76 -3.87 -22.31
C PHE B 277 -2.47 -4.78 -23.48
N ILE B 278 -1.59 -5.77 -23.28
CA ILE B 278 -1.23 -6.68 -24.37
C ILE B 278 -1.46 -8.11 -23.89
N VAL B 279 -2.01 -8.94 -24.78
CA VAL B 279 -2.23 -10.35 -24.47
C VAL B 279 -1.50 -11.17 -25.52
N VAL B 280 -1.02 -12.34 -25.10
CA VAL B 280 -0.31 -13.26 -25.98
C VAL B 280 -1.06 -14.58 -25.96
N VAL B 281 -1.51 -15.02 -27.13
CA VAL B 281 -2.31 -16.25 -27.23
C VAL B 281 -1.75 -17.11 -28.36
N PRO B 282 -1.94 -18.43 -28.32
CA PRO B 282 -1.59 -19.23 -29.49
C PRO B 282 -2.36 -18.77 -30.72
N GLN B 283 -1.76 -18.93 -31.90
CA GLN B 283 -2.32 -18.37 -33.12
C GLN B 283 -3.73 -18.88 -33.38
N GLU B 284 -4.01 -20.14 -33.02
CA GLU B 284 -5.34 -20.67 -33.29
C GLU B 284 -6.40 -20.00 -32.44
N GLU B 285 -6.01 -19.27 -31.39
CA GLU B 285 -6.97 -18.55 -30.55
C GLU B 285 -7.14 -17.09 -30.96
N LYS B 286 -6.39 -16.62 -31.95
CA LYS B 286 -6.28 -15.19 -32.22
C LYS B 286 -7.62 -14.59 -32.62
N GLU B 287 -8.35 -15.27 -33.50
CA GLU B 287 -9.61 -14.73 -33.97
C GLU B 287 -10.64 -14.66 -32.84
N GLU B 288 -10.72 -15.70 -32.02
CA GLU B 288 -11.69 -15.66 -30.92
C GLU B 288 -11.29 -14.63 -29.88
N ALA B 289 -9.98 -14.51 -29.61
CA ALA B 289 -9.51 -13.52 -28.65
C ALA B 289 -9.86 -12.11 -29.12
N LEU B 290 -9.63 -11.82 -30.40
CA LEU B 290 -9.94 -10.50 -30.92
C LEU B 290 -11.43 -10.21 -30.85
N GLU B 291 -12.27 -11.23 -31.11
CA GLU B 291 -13.72 -11.06 -31.01
C GLU B 291 -14.13 -10.69 -29.60
N ILE B 292 -13.64 -11.44 -28.61
CA ILE B 292 -13.98 -11.20 -27.21
C ILE B 292 -13.54 -9.80 -26.80
N LEU B 293 -12.28 -9.44 -27.08
CA LEU B 293 -11.76 -8.17 -26.59
C LEU B 293 -12.45 -7.00 -27.26
N SER B 294 -12.72 -7.13 -28.56
CA SER B 294 -13.33 -6.05 -29.33
C SER B 294 -14.75 -5.72 -28.89
N ARG B 295 -15.43 -6.63 -28.20
CA ARG B 295 -16.74 -6.29 -27.67
C ARG B 295 -16.65 -5.30 -26.51
N HIS B 296 -15.44 -5.12 -25.95
CA HIS B 296 -15.23 -4.20 -24.83
C HIS B 296 -14.51 -2.93 -25.25
N TYR B 297 -13.40 -3.05 -25.97
CA TYR B 297 -12.54 -1.94 -26.36
C TYR B 297 -11.92 -2.23 -27.71
N LYS B 298 -11.57 -1.16 -28.43
CA LYS B 298 -10.83 -1.32 -29.67
C LYS B 298 -9.58 -2.13 -29.43
N SER B 299 -9.38 -3.17 -30.22
CA SER B 299 -8.29 -4.11 -30.03
C SER B 299 -7.66 -4.43 -31.38
N TYR B 300 -6.37 -4.75 -31.36
CA TYR B 300 -5.55 -4.86 -32.57
C TYR B 300 -4.71 -6.13 -32.53
N GLU B 301 -4.57 -6.80 -33.67
CA GLU B 301 -3.45 -7.73 -33.83
C GLU B 301 -2.17 -6.92 -34.00
N LEU B 302 -1.27 -7.03 -33.02
CA LEU B 302 -0.01 -6.29 -33.08
C LEU B 302 1.11 -7.05 -33.78
N GLY B 303 1.16 -8.36 -33.63
CA GLY B 303 2.29 -9.05 -34.24
C GLY B 303 2.46 -10.45 -33.66
N ASN B 304 3.72 -10.88 -33.60
CA ASN B 304 4.05 -12.26 -33.33
C ASN B 304 5.19 -12.32 -32.32
N VAL B 305 5.26 -13.40 -31.56
CA VAL B 305 6.46 -13.74 -30.82
C VAL B 305 7.43 -14.43 -31.77
N THR B 306 8.72 -14.16 -31.62
CA THR B 306 9.75 -14.64 -32.54
C THR B 306 10.81 -15.48 -31.82
N ARG B 307 11.45 -16.36 -32.60
CA ARG B 307 12.61 -17.12 -32.12
C ARG B 307 13.78 -16.21 -31.82
N GLU B 308 13.92 -15.10 -32.56
CA GLU B 308 14.89 -14.08 -32.21
C GLU B 308 14.63 -13.61 -30.78
N LEU B 309 15.68 -13.49 -29.97
CA LEU B 309 15.53 -13.35 -28.52
C LEU B 309 15.83 -11.95 -28.02
N GLY B 310 15.08 -11.52 -27.01
CA GLY B 310 15.40 -10.34 -26.24
C GLY B 310 15.12 -9.01 -26.91
N LYS B 311 14.54 -9.00 -28.11
CA LYS B 311 14.30 -7.79 -28.86
C LYS B 311 12.79 -7.54 -28.99
N ILE B 312 12.40 -6.27 -28.99
CA ILE B 312 11.06 -5.88 -29.42
C ILE B 312 11.21 -5.02 -30.65
N LYS B 313 10.84 -5.56 -31.81
CA LYS B 313 10.97 -4.82 -33.07
C LYS B 313 9.63 -4.19 -33.39
N VAL B 314 9.59 -2.85 -33.39
CA VAL B 314 8.40 -2.12 -33.83
C VAL B 314 8.66 -1.82 -35.29
N LYS B 315 8.20 -2.74 -36.15
CA LYS B 315 8.62 -2.74 -37.56
C LYS B 315 8.16 -1.50 -38.29
N ASN B 316 6.92 -1.05 -38.02
CA ASN B 316 6.41 0.06 -38.82
C ASN B 316 6.95 1.41 -38.36
N TYR B 317 7.71 1.46 -37.27
CA TYR B 317 8.39 2.68 -36.87
C TYR B 317 9.90 2.55 -36.95
N GLY B 318 10.42 1.41 -37.39
CA GLY B 318 11.85 1.25 -37.53
C GLY B 318 12.62 1.27 -36.22
N ILE B 319 11.98 0.85 -35.14
CA ILE B 319 12.55 0.91 -33.79
C ILE B 319 12.76 -0.51 -33.29
N THR B 320 13.87 -0.73 -32.59
CA THR B 320 14.08 -1.98 -31.86
C THR B 320 14.40 -1.66 -30.41
N LEU B 321 13.62 -2.22 -29.49
N LEU B 321 13.63 -2.22 -29.48
CA LEU B 321 13.81 -2.03 -28.06
CA LEU B 321 13.91 -2.10 -28.05
C LEU B 321 14.44 -3.24 -27.40
C LEU B 321 14.51 -3.38 -27.48
PB ADP C . 4.85 -3.15 -12.04
O1B ADP C . 4.92 -4.48 -11.34
O2B ADP C . 4.49 -3.22 -13.50
O3B ADP C . 4.03 -2.10 -11.34
PA ADP C . 7.42 -2.15 -11.01
O1A ADP C . 8.61 -1.60 -11.74
O2A ADP C . 6.68 -1.24 -10.05
O3A ADP C . 6.37 -2.63 -12.15
O5' ADP C . 7.83 -3.47 -10.25
C5' ADP C . 8.56 -4.52 -10.89
C4' ADP C . 8.71 -5.67 -9.90
O4' ADP C . 9.57 -5.24 -8.85
C3' ADP C . 7.38 -6.04 -9.26
O3' ADP C . 7.35 -7.46 -9.05
C2' ADP C . 7.42 -5.36 -7.90
O2' ADP C . 6.61 -6.09 -6.98
C1' ADP C . 8.91 -5.34 -7.59
N9 ADP C . 9.20 -4.12 -6.82
C8 ADP C . 9.23 -2.85 -7.26
N7 ADP C . 9.51 -1.98 -6.25
C5 ADP C . 9.67 -2.72 -5.13
C6 ADP C . 9.97 -2.45 -3.73
N6 ADP C . 10.16 -1.17 -3.32
N1 ADP C . 10.03 -3.52 -2.89
C2 ADP C . 9.83 -4.77 -3.30
N3 ADP C . 9.55 -5.09 -4.57
C4 ADP C . 9.46 -4.12 -5.50
P PO4 D . -1.86 5.18 12.23
O1 PO4 D . -0.57 6.07 12.08
O2 PO4 D . -1.40 3.68 12.29
O3 PO4 D . -2.53 5.61 13.56
O4 PO4 D . -2.87 5.45 11.10
MN MN E . -2.08 1.76 11.95
MN MN F . -3.51 4.07 9.66
K K G . -4.71 4.73 14.99
K K H . -4.81 -0.03 9.81
P PO4 I . 4.24 1.11 -12.60
O1 PO4 I . 4.01 2.65 -12.59
O2 PO4 I . 2.87 0.36 -12.47
O3 PO4 I . 5.03 0.72 -13.89
O4 PO4 I . 5.17 0.75 -11.41
PB ADP J . -5.28 2.49 12.12
O1B ADP J . -6.29 1.53 11.57
O2B ADP J . -5.01 2.38 13.58
O3B ADP J . -4.01 2.60 11.31
PA ADP J . -6.44 4.89 10.90
O1A ADP J . -6.88 6.18 11.56
O2A ADP J . -5.40 4.95 9.82
O3A ADP J . -5.98 3.94 12.11
O5' ADP J . -7.72 4.18 10.27
C5' ADP J . -8.93 4.00 10.99
C4' ADP J . -9.87 3.21 10.10
O4' ADP J . -10.22 3.98 8.95
C3' ADP J . -9.22 1.93 9.60
O3' ADP J . -10.23 0.92 9.57
C2' ADP J . -8.79 2.26 8.19
O2' ADP J . -8.79 1.09 7.37
C1' ADP J . -9.83 3.30 7.76
N9 ADP J . -9.19 4.27 6.87
C8 ADP J . -8.29 5.22 7.18
N7 ADP J . -7.92 5.92 6.08
C5 ADP J . -8.62 5.39 5.05
C6 ADP J . -8.68 5.63 3.60
N6 ADP J . -7.95 6.60 3.02
N1 ADP J . -9.52 4.84 2.89
C2 ADP J . -10.27 3.88 3.46
N3 ADP J . -10.24 3.59 4.76
C4 ADP J . -9.44 4.31 5.57
MN MN K . 2.06 -1.45 -11.94
MN MN L . 4.78 -0.55 -9.86
K K M . 5.92 -1.47 -15.14
K K N . 2.91 -4.37 -9.47
#